data_7X2H
#
_entry.id   7X2H
#
_cell.length_a   179.053
_cell.length_b   71.996
_cell.length_c   112.761
_cell.angle_alpha   90.00
_cell.angle_beta   90.00
_cell.angle_gamma   90.00
#
_symmetry.space_group_name_H-M   'P 21 21 2'
#
loop_
_entity.id
_entity.type
_entity.pdbx_description
1 polymer '6-2C H chain'
2 polymer '6-2C L chain'
3 polymer 'Spike protein S1'
4 non-polymer 2-acetamido-2-deoxy-beta-D-glucopyranose
5 water water
#
loop_
_entity_poly.entity_id
_entity_poly.type
_entity_poly.pdbx_seq_one_letter_code
_entity_poly.pdbx_strand_id
1 'polypeptide(L)'
;QVQLVESGGGVVQPGRSLRLSCASSGFTFSTYHMHWVRQPPGKGLEWVAFISYDGSNYYYSDSVKGRFTISRDNSKNTVY
LQMNSLRAEDTALYYCARDSSGWHWGVPFDYWGQGTLVTVSSASTKGPSVFPLAPSSKSTSGGTAALGCLVKDYFPEPVT
VSWNSGALTSGVHTFPAVLQSSGLYSLSSVVTVPSSSLGTQTYICNVNHKPSNTKVDKRVEP
;
A,C
2 'polypeptide(L)'
;EIVLTQSPSSLSASVQDRVTITCRASQVISNYLAWFQQKPGKAPKLLIYAASNLQSGVPSRFRGSGSGTDFTLTISSLQP
EDFATYYCQQYNIYPLTFGGGTKVDIKRTVAAPSVFIFPPSDEQLKSGTASVVCLLNNFYPREAKVQWKVDNALQSGNSQ
ESVTEQDSKDSTYSLSSTLTLSKADYEKHKVYACEVTHQGLSSPVTKSFNRGEC
;
B,D
3 'polypeptide(L)'
;NLCPFGEVFNATRFASVYAWNRKRISNCVADYSVLYNSASFSTFKCYGVSPTKLNDLCFTNVYADSFVIRGDEVRQIAPG
QTGKIADYNYKLPDDFTGCVIAWNSNNLDSKVGGNYNYLYRLFRKSNLKPFERDISTEIYQAGSTPCNGVEGFNCYFPLQ
SYGFQPTNGVGYQPYRVVVLSFELLHAPATVCGPK
;
E,F
#
loop_
_chem_comp.id
_chem_comp.type
_chem_comp.name
_chem_comp.formula
NAG D-saccharide, beta linking 2-acetamido-2-deoxy-beta-D-glucopyranose 'C8 H15 N O6'
#
# COMPACT_ATOMS: atom_id res chain seq x y z
N GLN A 1 -1.52 8.52 48.78
CA GLN A 1 -1.15 7.32 48.02
C GLN A 1 -0.08 7.53 46.92
N VAL A 2 0.37 6.44 46.28
CA VAL A 2 1.47 6.54 45.33
C VAL A 2 1.08 7.45 44.18
N GLN A 3 1.92 8.44 43.91
CA GLN A 3 1.67 9.39 42.84
C GLN A 3 2.97 9.71 42.14
N LEU A 4 2.93 9.82 40.81
CA LEU A 4 4.06 10.32 40.04
C LEU A 4 3.53 11.39 39.11
N VAL A 5 4.13 12.58 39.15
CA VAL A 5 3.61 13.71 38.39
C VAL A 5 4.75 14.30 37.58
N GLU A 6 4.67 14.19 36.25
CA GLU A 6 5.65 14.76 35.35
C GLU A 6 5.30 16.20 35.05
N SER A 7 6.33 17.00 34.82
CA SER A 7 6.07 18.38 34.42
C SER A 7 7.20 18.85 33.52
N GLY A 8 6.96 19.96 32.82
CA GLY A 8 7.98 20.63 32.06
C GLY A 8 7.75 20.59 30.56
N GLY A 9 6.88 19.72 30.07
CA GLY A 9 6.66 19.63 28.65
C GLY A 9 6.22 20.96 28.04
N GLY A 10 6.49 21.08 26.75
CA GLY A 10 5.98 22.21 26.00
C GLY A 10 6.47 22.15 24.58
N VAL A 11 6.30 23.25 23.86
CA VAL A 11 6.74 23.36 22.47
C VAL A 11 8.06 24.12 22.44
N VAL A 12 9.07 23.50 21.85
CA VAL A 12 10.44 23.99 21.77
C VAL A 12 10.92 23.77 20.34
N GLN A 13 11.81 24.67 19.88
CA GLN A 13 12.40 24.56 18.54
C GLN A 13 13.46 23.47 18.53
N PRO A 14 13.69 22.84 17.37
CA PRO A 14 14.75 21.83 17.29
C PRO A 14 16.10 22.45 17.54
N GLY A 15 16.99 21.68 18.16
CA GLY A 15 18.29 22.18 18.58
C GLY A 15 18.31 22.80 19.96
N ARG A 16 17.16 23.14 20.53
CA ARG A 16 17.12 23.74 21.84
C ARG A 16 17.08 22.64 22.92
N SER A 17 17.07 23.07 24.20
CA SER A 17 17.17 22.19 25.35
C SER A 17 15.94 22.32 26.24
N LEU A 18 15.62 21.24 26.97
CA LEU A 18 14.43 21.23 27.80
C LEU A 18 14.63 20.22 28.92
N ARG A 19 14.22 20.59 30.12
CA ARG A 19 14.39 19.77 31.32
C ARG A 19 13.02 19.36 31.85
N LEU A 20 12.82 18.04 32.00
CA LEU A 20 11.59 17.46 32.54
C LEU A 20 11.79 17.05 33.99
N SER A 21 10.70 17.07 34.76
CA SER A 21 10.74 16.72 36.18
C SER A 21 9.65 15.71 36.43
N CYS A 22 9.91 14.81 37.37
CA CYS A 22 8.90 13.86 37.84
C CYS A 22 8.89 13.85 39.36
N ALA A 23 7.79 14.32 39.95
CA ALA A 23 7.68 14.49 41.39
C ALA A 23 6.89 13.32 41.96
N SER A 24 7.46 12.66 42.96
CA SER A 24 6.82 11.50 43.57
C SER A 24 6.17 11.88 44.89
N SER A 25 5.16 11.11 45.28
CA SER A 25 4.61 11.19 46.63
C SER A 25 4.03 9.84 47.00
N GLY A 26 3.97 9.57 48.31
CA GLY A 26 3.26 8.42 48.81
C GLY A 26 4.01 7.10 48.81
N PHE A 27 5.34 7.13 48.76
CA PHE A 27 6.18 5.94 48.88
C PHE A 27 7.61 6.40 49.08
N THR A 28 8.47 5.48 49.49
CA THR A 28 9.86 5.80 49.81
C THR A 28 10.66 5.92 48.52
N PHE A 29 10.71 7.16 48.01
CA PHE A 29 11.33 7.43 46.71
C PHE A 29 12.78 6.98 46.66
N SER A 30 13.46 7.03 47.80
CA SER A 30 14.90 6.84 47.89
C SER A 30 15.34 5.41 47.61
N THR A 31 14.44 4.44 47.61
CA THR A 31 14.88 3.07 47.37
C THR A 31 14.35 2.52 46.04
N TYR A 32 13.75 3.38 45.23
CA TYR A 32 13.19 3.02 43.93
C TYR A 32 14.06 3.56 42.81
N HIS A 33 14.37 2.71 41.85
CA HIS A 33 14.90 3.19 40.57
C HIS A 33 13.79 3.92 39.82
N MET A 34 14.20 4.82 38.91
CA MET A 34 13.25 5.60 38.11
C MET A 34 13.63 5.51 36.63
N HIS A 35 12.60 5.43 35.79
CA HIS A 35 12.78 5.35 34.34
C HIS A 35 11.96 6.45 33.67
N TRP A 36 12.43 6.90 32.52
CA TRP A 36 11.64 7.68 31.58
C TRP A 36 11.34 6.80 30.37
N VAL A 37 10.08 6.75 29.95
CA VAL A 37 9.81 6.14 28.66
C VAL A 37 8.93 7.14 27.92
N ARG A 38 9.08 7.18 26.61
CA ARG A 38 8.29 8.10 25.80
C ARG A 38 7.40 7.33 24.84
N GLN A 39 6.38 8.03 24.34
CA GLN A 39 5.42 7.43 23.42
C GLN A 39 5.15 8.49 22.36
N PRO A 40 5.76 8.37 21.19
CA PRO A 40 5.49 9.33 20.10
C PRO A 40 4.02 9.28 19.71
N PRO A 41 3.48 10.37 19.16
CA PRO A 41 2.04 10.39 18.87
C PRO A 41 1.68 9.28 17.87
N GLY A 42 0.68 8.49 18.25
CA GLY A 42 0.22 7.37 17.44
C GLY A 42 1.11 6.15 17.40
N LYS A 43 2.24 6.13 18.13
CA LYS A 43 3.18 5.02 18.11
C LYS A 43 3.17 4.29 19.46
N GLY A 44 4.18 3.43 19.67
CA GLY A 44 4.25 2.61 20.84
C GLY A 44 5.20 3.15 21.91
N LEU A 45 5.45 2.30 22.90
CA LEU A 45 6.26 2.68 24.04
C LEU A 45 7.73 2.52 23.72
N GLU A 46 8.54 3.46 24.22
CA GLU A 46 9.95 3.51 23.89
C GLU A 46 10.72 3.90 25.15
N TRP A 47 11.56 3.00 25.63
CA TRP A 47 12.36 3.26 26.82
C TRP A 47 13.43 4.29 26.49
N VAL A 48 13.64 5.22 27.42
CA VAL A 48 14.52 6.37 27.22
C VAL A 48 15.76 6.31 28.15
N ALA A 49 15.54 6.19 29.46
CA ALA A 49 16.62 6.31 30.44
C ALA A 49 16.20 5.69 31.76
N PHE A 50 17.21 5.35 32.56
CA PHE A 50 17.10 4.65 33.85
C PHE A 50 18.07 5.30 34.81
N ILE A 51 17.67 5.48 36.08
CA ILE A 51 18.60 5.88 37.13
C ILE A 51 18.30 5.06 38.37
N SER A 52 19.34 4.49 38.96
CA SER A 52 19.13 3.59 40.08
C SER A 52 18.72 4.38 41.31
N TYR A 53 18.32 3.64 42.35
CA TYR A 53 17.88 4.27 43.58
C TYR A 53 18.93 5.24 44.14
N ASP A 54 20.24 4.95 43.95
CA ASP A 54 21.21 5.89 44.55
C ASP A 54 21.37 7.09 43.65
N GLY A 55 21.22 6.88 42.35
CA GLY A 55 21.80 7.75 41.35
C GLY A 55 23.19 7.37 40.92
N SER A 56 23.69 6.21 41.33
CA SER A 56 25.04 5.79 40.93
C SER A 56 25.06 5.00 39.63
N ASN A 57 24.02 4.20 39.36
CA ASN A 57 23.87 3.42 38.13
C ASN A 57 22.87 4.11 37.22
N TYR A 58 23.04 3.97 35.90
CA TYR A 58 22.24 4.75 34.97
C TYR A 58 22.54 4.40 33.52
N TYR A 59 21.53 4.47 32.65
CA TYR A 59 21.72 4.04 31.27
C TYR A 59 20.73 4.79 30.37
N TYR A 60 21.05 4.82 29.07
CA TYR A 60 20.28 5.55 28.07
C TYR A 60 20.02 4.67 26.86
N SER A 61 18.94 4.96 26.14
CA SER A 61 18.72 4.28 24.87
C SER A 61 19.72 4.78 23.85
N ASP A 62 19.91 3.99 22.79
CA ASP A 62 20.85 4.43 21.77
C ASP A 62 20.36 5.70 21.11
N SER A 63 19.04 5.90 21.09
CA SER A 63 18.49 7.02 20.35
C SER A 63 18.70 8.36 21.07
N VAL A 64 19.01 8.35 22.36
CA VAL A 64 19.23 9.58 23.11
C VAL A 64 20.59 9.66 23.78
N LYS A 65 21.41 8.59 23.75
CA LYS A 65 22.69 8.62 24.44
C LYS A 65 23.57 9.73 23.89
N GLY A 66 24.11 10.55 24.77
CA GLY A 66 24.92 11.67 24.37
C GLY A 66 24.18 12.98 24.31
N ARG A 67 22.84 12.96 24.18
CA ARG A 67 22.03 14.17 24.17
C ARG A 67 21.24 14.38 25.45
N PHE A 68 20.77 13.32 26.12
CA PHE A 68 19.97 13.42 27.32
C PHE A 68 20.81 13.07 28.55
N THR A 69 20.41 13.61 29.71
CA THR A 69 21.07 13.33 30.97
C THR A 69 19.99 13.16 32.02
N ILE A 70 20.08 12.08 32.78
CA ILE A 70 19.12 11.78 33.83
C ILE A 70 19.78 12.02 35.18
N SER A 71 19.00 12.55 36.12
CA SER A 71 19.50 12.86 37.44
C SER A 71 18.34 12.75 38.41
N ARG A 72 18.65 12.69 39.70
CA ARG A 72 17.61 12.69 40.71
C ARG A 72 18.09 13.45 41.94
N ASP A 73 17.11 13.94 42.72
CA ASP A 73 17.34 14.60 43.99
C ASP A 73 16.44 13.90 45.00
N ASN A 74 16.98 12.89 45.67
CA ASN A 74 16.21 12.13 46.64
C ASN A 74 15.69 13.02 47.78
N SER A 75 16.39 14.11 48.11
CA SER A 75 15.89 14.98 49.17
C SER A 75 14.61 15.70 48.75
N LYS A 76 14.41 15.90 47.45
CA LYS A 76 13.22 16.54 46.95
C LYS A 76 12.23 15.57 46.30
N ASN A 77 12.51 14.26 46.33
CA ASN A 77 11.60 13.24 45.83
C ASN A 77 11.37 13.36 44.31
N THR A 78 12.34 13.86 43.55
CA THR A 78 12.11 14.06 42.13
C THR A 78 13.25 13.50 41.29
N VAL A 79 12.90 13.08 40.07
CA VAL A 79 13.86 12.64 39.06
C VAL A 79 13.73 13.58 37.87
N TYR A 80 14.84 13.79 37.16
CA TYR A 80 14.89 14.76 36.06
C TYR A 80 15.40 14.13 34.78
N LEU A 81 14.99 14.72 33.66
CA LEU A 81 15.54 14.37 32.35
C LEU A 81 15.92 15.69 31.68
N GLN A 82 17.22 15.90 31.54
CA GLN A 82 17.76 17.05 30.81
C GLN A 82 17.91 16.61 29.36
N MET A 83 17.22 17.30 28.47
CA MET A 83 17.19 16.95 27.06
C MET A 83 17.92 18.04 26.29
N ASN A 84 19.05 17.68 25.70
CA ASN A 84 19.82 18.62 24.89
C ASN A 84 19.66 18.28 23.41
N SER A 85 19.92 19.28 22.57
CA SER A 85 20.01 19.09 21.12
C SER A 85 18.76 18.37 20.58
N LEU A 86 17.60 18.89 20.97
CA LEU A 86 16.34 18.22 20.67
C LEU A 86 16.12 18.12 19.17
N ARG A 87 15.32 17.14 18.77
CA ARG A 87 15.05 16.94 17.35
C ARG A 87 13.59 16.53 17.17
N ALA A 88 13.07 16.76 15.97
CA ALA A 88 11.66 16.47 15.70
C ALA A 88 11.26 15.08 16.19
N GLU A 89 12.17 14.10 16.10
CA GLU A 89 11.86 12.73 16.47
C GLU A 89 11.77 12.52 17.96
N ASP A 90 12.09 13.53 18.76
CA ASP A 90 11.95 13.46 20.20
C ASP A 90 10.54 13.83 20.65
N THR A 91 9.70 14.30 19.74
CA THR A 91 8.30 14.62 20.03
C THR A 91 7.55 13.39 20.54
N ALA A 92 6.98 13.50 21.73
CA ALA A 92 6.45 12.32 22.39
C ALA A 92 5.86 12.76 23.71
N LEU A 93 4.97 11.94 24.23
CA LEU A 93 4.56 12.07 25.62
C LEU A 93 5.61 11.34 26.45
N TYR A 94 6.19 12.03 27.43
CA TYR A 94 7.27 11.48 28.23
C TYR A 94 6.70 11.06 29.59
N TYR A 95 6.75 9.76 29.84
CA TYR A 95 6.30 9.15 31.08
C TYR A 95 7.48 8.96 32.04
N CYS A 96 7.17 9.03 33.31
CA CYS A 96 8.07 8.63 34.37
C CYS A 96 7.47 7.42 35.06
N ALA A 97 8.33 6.48 35.45
CA ALA A 97 7.85 5.27 36.12
C ALA A 97 8.89 4.80 37.11
N ARG A 98 8.42 4.27 38.24
CA ARG A 98 9.24 3.69 39.30
C ARG A 98 9.49 2.20 39.07
N ASP A 99 10.55 1.70 39.68
CA ASP A 99 11.07 0.35 39.45
C ASP A 99 11.87 -0.05 40.68
N SER A 100 11.48 -1.15 41.33
CA SER A 100 12.20 -1.69 42.48
C SER A 100 12.87 -3.03 42.18
N SER A 101 12.82 -3.47 40.93
CA SER A 101 13.57 -4.63 40.43
C SER A 101 15.03 -4.58 40.85
N GLY A 102 15.54 -5.70 41.34
CA GLY A 102 16.88 -5.79 41.88
C GLY A 102 16.91 -5.93 43.39
N TRP A 103 15.88 -5.42 44.07
CA TRP A 103 15.64 -5.81 45.45
C TRP A 103 14.91 -7.13 45.45
N HIS A 104 15.13 -7.94 46.50
CA HIS A 104 14.56 -9.28 46.55
C HIS A 104 13.04 -9.26 46.47
N TRP A 105 12.43 -8.15 46.86
CA TRP A 105 11.00 -7.98 46.85
C TRP A 105 10.52 -7.16 45.66
N GLY A 106 11.40 -6.86 44.70
CA GLY A 106 11.15 -5.79 43.75
C GLY A 106 10.20 -6.15 42.60
N VAL A 107 9.55 -5.11 42.08
CA VAL A 107 8.66 -5.20 40.93
C VAL A 107 9.03 -4.14 39.90
N PRO A 108 9.22 -4.50 38.63
CA PRO A 108 9.57 -3.49 37.61
C PRO A 108 8.34 -2.76 37.09
N PHE A 109 8.52 -1.45 36.89
CA PHE A 109 7.58 -0.57 36.18
C PHE A 109 6.15 -0.74 36.67
N ASP A 110 5.98 -0.77 38.01
CA ASP A 110 4.66 -1.03 38.56
C ASP A 110 3.82 0.22 38.69
N TYR A 111 4.40 1.42 38.57
CA TYR A 111 3.56 2.59 38.57
C TYR A 111 4.16 3.65 37.66
N TRP A 112 3.28 4.31 36.89
CA TRP A 112 3.62 5.30 35.89
C TRP A 112 2.83 6.57 36.15
N GLY A 113 3.47 7.73 35.99
CA GLY A 113 2.73 8.98 35.87
C GLY A 113 1.96 9.03 34.57
N GLN A 114 1.18 10.12 34.40
CA GLN A 114 0.36 10.25 33.20
C GLN A 114 1.09 10.94 32.05
N GLY A 115 2.29 11.43 32.28
CA GLY A 115 3.17 11.85 31.21
C GLY A 115 3.11 13.35 31.00
N THR A 116 4.16 13.88 30.38
CA THR A 116 4.18 15.28 29.97
C THR A 116 4.59 15.35 28.50
N LEU A 117 3.80 16.08 27.73
CA LEU A 117 3.96 16.10 26.27
C LEU A 117 5.06 17.07 25.85
N VAL A 118 5.98 16.58 25.02
CA VAL A 118 7.09 17.36 24.51
C VAL A 118 6.92 17.45 23.01
N THR A 119 6.92 18.66 22.47
CA THR A 119 6.74 18.87 21.05
C THR A 119 7.90 19.68 20.50
N VAL A 120 8.68 19.07 19.62
CA VAL A 120 9.84 19.71 19.00
C VAL A 120 9.45 20.08 17.57
N SER A 121 9.48 21.37 17.25
CA SER A 121 8.87 21.83 16.00
C SER A 121 9.39 23.23 15.70
N SER A 122 9.53 23.54 14.41
CA SER A 122 9.88 24.89 14.00
C SER A 122 8.67 25.77 13.80
N ALA A 123 7.46 25.22 13.92
CA ALA A 123 6.28 25.99 13.60
C ALA A 123 5.91 26.95 14.72
N SER A 124 5.23 28.01 14.32
CA SER A 124 4.63 28.97 15.24
C SER A 124 3.15 28.72 15.35
N THR A 125 2.62 29.06 16.52
CA THR A 125 1.20 28.98 16.77
C THR A 125 0.40 29.65 15.66
N LYS A 126 -0.59 28.95 15.16
CA LYS A 126 -1.36 29.40 14.00
C LYS A 126 -2.72 28.74 14.05
N GLY A 127 -3.77 29.54 13.92
CA GLY A 127 -5.12 29.05 13.86
C GLY A 127 -5.40 28.48 12.49
N PRO A 128 -6.46 27.70 12.36
CA PRO A 128 -6.70 26.98 11.11
C PRO A 128 -7.44 27.78 10.06
N SER A 129 -7.20 27.44 8.79
CA SER A 129 -8.14 27.77 7.73
C SER A 129 -9.18 26.66 7.63
N VAL A 130 -10.43 27.03 7.38
CA VAL A 130 -11.52 26.08 7.40
C VAL A 130 -12.24 26.13 6.06
N PHE A 131 -12.26 25.01 5.36
CA PHE A 131 -12.89 24.96 4.06
C PHE A 131 -14.04 23.95 4.06
N PRO A 132 -15.09 24.19 3.28
CA PRO A 132 -16.22 23.27 3.25
C PRO A 132 -15.98 22.09 2.32
N LEU A 133 -16.43 20.91 2.78
CA LEU A 133 -16.58 19.70 1.97
C LEU A 133 -18.06 19.61 1.62
N ALA A 134 -18.43 20.21 0.48
CA ALA A 134 -19.84 20.39 0.16
C ALA A 134 -20.47 19.06 -0.23
N PRO A 135 -21.72 18.78 0.17
CA PRO A 135 -22.36 17.51 -0.20
C PRO A 135 -22.63 17.46 -1.70
N SER A 136 -22.49 16.26 -2.25
CA SER A 136 -22.34 16.11 -3.69
C SER A 136 -23.62 16.45 -4.43
N SER A 137 -23.43 16.93 -5.68
CA SER A 137 -24.51 17.37 -6.53
C SER A 137 -25.53 16.26 -6.75
N LYS A 138 -25.08 15.02 -6.90
CA LYS A 138 -25.99 13.89 -6.83
C LYS A 138 -25.54 12.93 -5.73
N THR A 144 -28.92 9.24 1.66
CA THR A 144 -27.77 9.61 2.50
C THR A 144 -26.68 10.39 1.76
N ALA A 145 -26.42 11.61 2.20
CA ALA A 145 -25.33 12.43 1.70
C ALA A 145 -24.27 12.60 2.78
N ALA A 146 -23.04 12.93 2.35
CA ALA A 146 -21.97 13.27 3.27
C ALA A 146 -21.50 14.69 3.01
N LEU A 147 -21.11 15.37 4.09
CA LEU A 147 -20.54 16.70 3.98
C LEU A 147 -19.56 16.85 5.13
N GLY A 148 -18.80 17.94 5.10
CA GLY A 148 -17.88 18.15 6.19
C GLY A 148 -17.10 19.44 6.04
N CYS A 149 -16.08 19.54 6.87
CA CYS A 149 -15.21 20.70 6.96
C CYS A 149 -13.76 20.24 6.96
N LEU A 150 -12.95 20.83 6.08
CA LEU A 150 -11.51 20.61 6.08
C LEU A 150 -10.85 21.67 6.96
N VAL A 151 -10.12 21.23 7.96
CA VAL A 151 -9.57 22.11 8.99
C VAL A 151 -8.06 22.09 8.82
N LYS A 152 -7.52 23.05 8.05
CA LYS A 152 -6.18 22.92 7.49
C LYS A 152 -5.18 23.90 8.12
N ASP A 153 -3.95 23.42 8.29
CA ASP A 153 -2.77 24.25 8.52
C ASP A 153 -2.83 25.00 9.86
N TYR A 154 -2.83 24.25 10.96
CA TYR A 154 -2.87 24.88 12.27
C TYR A 154 -1.79 24.27 13.15
N PHE A 155 -1.47 24.99 14.24
CA PHE A 155 -0.43 24.56 15.17
C PHE A 155 -0.55 25.35 16.47
N PRO A 156 -0.40 24.70 17.63
CA PRO A 156 -0.21 23.24 17.75
C PRO A 156 -1.52 22.47 17.90
N GLU A 157 -1.43 21.17 18.16
CA GLU A 157 -2.61 20.42 18.57
C GLU A 157 -3.06 20.92 19.93
N PRO A 158 -4.36 20.81 20.27
CA PRO A 158 -5.50 20.31 19.49
C PRO A 158 -6.43 21.39 19.00
N VAL A 159 -7.38 20.97 18.17
CA VAL A 159 -8.49 21.76 17.71
C VAL A 159 -9.74 21.01 18.17
N THR A 160 -10.87 21.72 18.31
CA THR A 160 -12.16 21.10 18.59
C THR A 160 -13.13 21.45 17.46
N VAL A 161 -13.96 20.48 17.06
CA VAL A 161 -14.96 20.66 16.02
C VAL A 161 -16.32 20.19 16.54
N SER A 162 -17.35 21.01 16.35
CA SER A 162 -18.72 20.61 16.55
C SER A 162 -19.52 21.04 15.33
N TRP A 163 -20.78 20.59 15.29
CA TRP A 163 -21.69 20.82 14.18
C TRP A 163 -22.99 21.43 14.69
N ASN A 164 -23.40 22.57 14.13
CA ASN A 164 -24.59 23.30 14.59
C ASN A 164 -24.56 23.52 16.11
N SER A 165 -23.40 23.98 16.59
CA SER A 165 -23.17 24.34 18.00
C SER A 165 -23.50 23.17 18.95
N GLY A 166 -23.27 21.95 18.50
CA GLY A 166 -23.56 20.77 19.30
C GLY A 166 -24.91 20.15 19.07
N ALA A 167 -25.77 20.75 18.23
CA ALA A 167 -27.09 20.16 17.99
C ALA A 167 -27.01 18.92 17.10
N LEU A 168 -25.97 18.82 16.27
CA LEU A 168 -25.77 17.67 15.37
C LEU A 168 -24.59 16.85 15.89
N THR A 169 -24.87 15.62 16.33
CA THR A 169 -23.82 14.74 16.86
C THR A 169 -23.81 13.39 16.16
N SER A 170 -24.96 12.91 15.68
CA SER A 170 -25.03 11.55 15.17
C SER A 170 -24.48 11.49 13.76
N GLY A 171 -23.61 10.51 13.51
CA GLY A 171 -23.04 10.38 12.19
C GLY A 171 -21.90 11.32 11.92
N VAL A 172 -21.36 12.00 12.96
CA VAL A 172 -20.19 12.86 12.84
C VAL A 172 -18.94 12.00 13.03
N HIS A 173 -17.94 12.21 12.17
CA HIS A 173 -16.61 11.65 12.41
C HIS A 173 -15.61 12.78 12.25
N THR A 174 -14.87 13.08 13.31
CA THR A 174 -13.78 14.03 13.25
C THR A 174 -12.50 13.21 13.31
N PHE A 175 -11.70 13.25 12.26
CA PHE A 175 -10.58 12.35 12.13
C PHE A 175 -9.41 12.86 12.95
N PRO A 176 -8.49 11.97 13.33
CA PRO A 176 -7.21 12.42 13.89
C PRO A 176 -6.49 13.36 12.92
N ALA A 177 -5.91 14.41 13.48
CA ALA A 177 -5.04 15.28 12.71
C ALA A 177 -3.90 14.49 12.08
N VAL A 178 -3.41 14.97 10.94
CA VAL A 178 -2.17 14.49 10.35
C VAL A 178 -1.15 15.62 10.41
N LEU A 179 0.11 15.28 10.65
CA LEU A 179 1.18 16.26 10.65
C LEU A 179 1.72 16.38 9.23
N GLN A 180 1.63 17.58 8.66
CA GLN A 180 2.12 17.80 7.30
C GLN A 180 3.60 18.14 7.30
N SER A 181 4.21 18.01 6.12
CA SER A 181 5.66 18.27 6.06
C SER A 181 5.98 19.74 6.31
N SER A 182 5.02 20.64 6.13
CA SER A 182 5.16 22.03 6.60
C SER A 182 5.29 22.12 8.12
N GLY A 183 4.94 21.06 8.86
CA GLY A 183 4.92 21.16 10.31
C GLY A 183 3.59 21.63 10.90
N LEU A 184 2.61 21.95 10.08
CA LEU A 184 1.25 22.21 10.50
C LEU A 184 0.41 20.93 10.43
N TYR A 185 -0.73 20.93 11.15
CA TYR A 185 -1.69 19.83 11.21
C TYR A 185 -2.88 20.10 10.30
N SER A 186 -3.50 19.02 9.84
CA SER A 186 -4.70 19.11 9.02
C SER A 186 -5.65 17.97 9.38
N LEU A 187 -6.95 18.25 9.40
CA LEU A 187 -7.92 17.20 9.64
C LEU A 187 -9.21 17.54 8.92
N SER A 188 -10.04 16.52 8.74
CA SER A 188 -11.41 16.67 8.27
C SER A 188 -12.38 16.30 9.38
N SER A 189 -13.55 16.92 9.36
CA SER A 189 -14.69 16.48 10.15
C SER A 189 -15.86 16.26 9.19
N VAL A 190 -16.48 15.08 9.22
CA VAL A 190 -17.54 14.78 8.25
C VAL A 190 -18.79 14.34 9.01
N VAL A 191 -19.94 14.50 8.35
CA VAL A 191 -21.22 14.03 8.87
C VAL A 191 -21.92 13.34 7.72
N THR A 192 -22.62 12.24 7.99
CA THR A 192 -23.61 11.76 7.02
C THR A 192 -25.00 12.17 7.48
N VAL A 193 -25.84 12.55 6.52
CA VAL A 193 -27.17 13.09 6.76
C VAL A 193 -28.10 12.58 5.66
N PRO A 194 -29.43 12.61 5.84
CA PRO A 194 -30.33 12.23 4.75
C PRO A 194 -30.29 13.24 3.62
N SER A 195 -30.31 12.74 2.39
CA SER A 195 -30.31 13.62 1.22
C SER A 195 -31.45 14.62 1.25
N SER A 196 -32.65 14.16 1.66
CA SER A 196 -33.83 15.02 1.66
C SER A 196 -33.62 16.26 2.53
N SER A 197 -32.72 16.21 3.50
CA SER A 197 -32.53 17.32 4.42
C SER A 197 -31.66 18.45 3.88
N LEU A 198 -31.04 18.29 2.70
CA LEU A 198 -30.03 19.25 2.24
C LEU A 198 -30.59 20.63 1.92
N GLY A 199 -31.89 20.76 1.67
CA GLY A 199 -32.49 22.07 1.51
C GLY A 199 -32.95 22.67 2.83
N THR A 200 -33.85 21.96 3.51
CA THR A 200 -34.34 22.38 4.82
C THR A 200 -33.23 22.70 5.82
N GLN A 201 -32.26 21.81 5.96
CA GLN A 201 -31.36 21.82 7.11
C GLN A 201 -30.05 22.51 6.75
N THR A 202 -29.66 23.50 7.56
CA THR A 202 -28.40 24.17 7.36
C THR A 202 -27.34 23.54 8.28
N TYR A 203 -26.12 23.49 7.79
CA TYR A 203 -25.05 22.77 8.47
C TYR A 203 -23.84 23.69 8.58
N ILE A 204 -23.38 23.85 9.81
CA ILE A 204 -22.28 24.74 10.12
C ILE A 204 -21.34 23.99 11.06
N CYS A 205 -20.07 23.93 10.71
CA CYS A 205 -19.08 23.36 11.62
C CYS A 205 -18.46 24.49 12.42
N ASN A 206 -18.23 24.25 13.70
CA ASN A 206 -17.66 25.24 14.60
C ASN A 206 -16.29 24.76 15.02
N VAL A 207 -15.25 25.50 14.66
CA VAL A 207 -13.88 25.09 14.90
C VAL A 207 -13.29 26.00 15.95
N ASN A 208 -12.78 25.41 17.03
CA ASN A 208 -12.11 26.17 18.08
C ASN A 208 -10.66 25.74 18.19
N HIS A 209 -9.75 26.71 18.24
CA HIS A 209 -8.33 26.45 18.39
C HIS A 209 -7.84 27.26 19.58
N LYS A 210 -7.91 26.67 20.78
CA LYS A 210 -7.56 27.42 21.99
C LYS A 210 -6.17 28.04 21.93
N PRO A 211 -5.10 27.34 21.52
CA PRO A 211 -3.78 27.95 21.58
C PRO A 211 -3.66 29.28 20.83
N SER A 212 -4.36 29.48 19.72
CA SER A 212 -4.34 30.74 18.99
C SER A 212 -5.53 31.62 19.32
N ASN A 213 -6.34 31.20 20.29
CA ASN A 213 -7.64 31.81 20.59
C ASN A 213 -8.48 32.12 19.35
N THR A 214 -8.53 31.16 18.42
CA THR A 214 -9.34 31.29 17.22
C THR A 214 -10.61 30.47 17.36
N LYS A 215 -11.71 31.00 16.82
CA LYS A 215 -12.93 30.24 16.60
C LYS A 215 -13.46 30.61 15.22
N VAL A 216 -13.87 29.60 14.47
CA VAL A 216 -14.38 29.80 13.12
C VAL A 216 -15.64 28.99 12.97
N ASP A 217 -16.64 29.57 12.29
CA ASP A 217 -17.85 28.88 11.90
C ASP A 217 -17.93 28.90 10.39
N LYS A 218 -18.09 27.77 9.79
CA LYS A 218 -18.20 27.71 8.32
C LYS A 218 -19.49 26.98 7.98
N ARG A 219 -20.36 27.59 7.26
CA ARG A 219 -21.55 26.88 6.83
C ARG A 219 -21.21 26.18 5.53
N VAL A 220 -21.71 24.95 5.42
CA VAL A 220 -21.38 24.01 4.36
C VAL A 220 -22.63 23.85 3.53
N GLU A 221 -22.55 24.27 2.27
CA GLU A 221 -23.73 24.40 1.43
C GLU A 221 -23.64 23.49 0.21
N PRO A 222 -24.79 23.06 -0.33
CA PRO A 222 -24.77 22.29 -1.57
C PRO A 222 -24.09 23.03 -2.72
N ILE B 2 18.39 -5.97 22.44
CA ILE B 2 17.49 -7.11 22.42
C ILE B 2 16.21 -6.72 21.68
N VAL B 3 15.88 -7.44 20.61
CA VAL B 3 14.66 -7.16 19.84
C VAL B 3 13.57 -8.10 20.30
N LEU B 4 12.39 -7.53 20.59
CA LEU B 4 11.21 -8.32 20.97
C LEU B 4 10.26 -8.33 19.78
N THR B 5 9.93 -9.52 19.31
CA THR B 5 8.99 -9.70 18.21
C THR B 5 7.65 -10.08 18.85
N GLN B 6 6.73 -9.11 18.85
CA GLN B 6 5.39 -9.31 19.46
C GLN B 6 4.36 -9.58 18.37
N SER B 7 3.65 -10.69 18.49
CA SER B 7 2.67 -11.11 17.45
C SER B 7 1.33 -11.47 18.12
N PRO B 8 0.17 -11.27 17.45
CA PRO B 8 0.06 -10.41 16.27
C PRO B 8 0.05 -8.89 16.55
N SER B 9 0.29 -8.06 15.54
CA SER B 9 0.29 -6.63 15.79
C SER B 9 -1.12 -6.09 16.05
N SER B 10 -2.16 -6.81 15.63
CA SER B 10 -3.53 -6.47 15.98
C SER B 10 -4.39 -7.72 15.90
N LEU B 11 -5.51 -7.72 16.63
CA LEU B 11 -6.46 -8.80 16.47
C LEU B 11 -7.86 -8.34 16.88
N SER B 12 -8.87 -8.99 16.29
CA SER B 12 -10.26 -8.79 16.62
C SER B 12 -10.72 -9.97 17.45
N ALA B 13 -11.47 -9.66 18.48
CA ALA B 13 -11.93 -10.72 19.37
C ALA B 13 -13.32 -10.39 19.91
N SER B 14 -13.94 -11.36 20.54
CA SER B 14 -15.29 -11.18 21.08
C SER B 14 -15.22 -11.46 22.57
N VAL B 15 -16.15 -10.90 23.32
CA VAL B 15 -16.21 -11.14 24.77
C VAL B 15 -16.33 -12.65 25.01
N GLN B 16 -15.61 -13.18 26.00
CA GLN B 16 -15.63 -14.61 26.40
C GLN B 16 -14.61 -15.42 25.59
N ASP B 17 -13.89 -14.78 24.67
CA ASP B 17 -12.88 -15.48 23.86
C ASP B 17 -11.54 -15.63 24.59
N ARG B 18 -10.77 -16.62 24.20
CA ARG B 18 -9.42 -16.77 24.72
C ARG B 18 -8.47 -16.05 23.77
N VAL B 19 -7.68 -15.12 24.30
CA VAL B 19 -6.75 -14.32 23.51
C VAL B 19 -5.33 -14.74 23.87
N THR B 20 -4.51 -14.98 22.86
CA THR B 20 -3.12 -15.38 23.05
C THR B 20 -2.24 -14.41 22.29
N ILE B 21 -1.26 -13.83 22.99
CA ILE B 21 -0.31 -12.89 22.40
C ILE B 21 1.08 -13.42 22.65
N THR B 22 1.91 -13.37 21.62
CA THR B 22 3.25 -13.96 21.63
C THR B 22 4.32 -12.88 21.61
N CYS B 23 5.38 -13.11 22.38
CA CYS B 23 6.55 -12.25 22.41
C CYS B 23 7.79 -13.15 22.32
N ARG B 24 8.61 -12.96 21.29
CA ARG B 24 9.86 -13.71 21.13
C ARG B 24 11.04 -12.77 21.21
N ALA B 25 12.03 -13.09 22.03
CA ALA B 25 13.21 -12.26 22.21
C ALA B 25 14.33 -12.69 21.27
N SER B 26 15.15 -11.73 20.83
CA SER B 26 16.25 -12.08 19.95
C SER B 26 17.43 -12.75 20.68
N GLN B 27 17.48 -12.69 22.02
CA GLN B 27 18.38 -13.56 22.78
C GLN B 27 17.71 -13.89 24.11
N VAL B 28 18.26 -14.87 24.82
CA VAL B 28 17.57 -15.33 26.02
C VAL B 28 17.61 -14.26 27.10
N ILE B 29 16.51 -14.17 27.82
CA ILE B 29 16.36 -13.12 28.86
C ILE B 29 15.85 -13.81 30.12
N SER B 30 16.01 -15.13 30.20
CA SER B 30 15.48 -15.91 31.34
C SER B 30 13.98 -15.63 31.44
N ASN B 31 13.51 -15.15 32.59
CA ASN B 31 12.05 -14.92 32.76
C ASN B 31 11.82 -13.42 32.99
N TYR B 32 12.79 -12.58 32.65
CA TYR B 32 12.66 -11.12 32.94
C TYR B 32 11.87 -10.40 31.85
N LEU B 33 10.63 -10.80 31.67
CA LEU B 33 9.72 -10.16 30.72
C LEU B 33 8.54 -9.61 31.50
N ALA B 34 8.01 -8.45 31.07
CA ALA B 34 6.79 -7.93 31.67
C ALA B 34 5.75 -7.66 30.59
N TRP B 35 4.46 -7.70 30.98
CA TRP B 35 3.34 -7.38 30.09
C TRP B 35 2.60 -6.15 30.61
N PHE B 36 2.21 -5.26 29.71
CA PHE B 36 1.47 -4.05 30.07
C PHE B 36 0.22 -3.91 29.22
N GLN B 37 -0.78 -3.26 29.78
CA GLN B 37 -1.99 -2.88 29.08
C GLN B 37 -2.06 -1.37 29.04
N GLN B 38 -2.56 -0.81 27.93
CA GLN B 38 -2.72 0.63 27.81
C GLN B 38 -4.03 0.91 27.09
N LYS B 39 -4.82 1.81 27.64
CA LYS B 39 -6.04 2.31 27.02
C LYS B 39 -5.81 3.72 26.51
N PRO B 40 -6.60 4.17 25.54
CA PRO B 40 -6.33 5.46 24.90
C PRO B 40 -6.31 6.60 25.90
N GLY B 41 -5.34 7.48 25.75
CA GLY B 41 -5.26 8.62 26.64
C GLY B 41 -4.78 8.30 28.04
N LYS B 42 -4.54 7.03 28.36
CA LYS B 42 -4.20 6.63 29.72
C LYS B 42 -2.79 6.05 29.76
N ALA B 43 -2.20 6.05 30.96
CA ALA B 43 -0.85 5.53 31.12
C ALA B 43 -0.87 4.00 31.13
N PRO B 44 0.24 3.35 30.76
CA PRO B 44 0.30 1.89 30.85
C PRO B 44 0.16 1.40 32.27
N LYS B 45 -0.34 0.18 32.40
CA LYS B 45 -0.58 -0.47 33.68
C LYS B 45 0.11 -1.84 33.65
N LEU B 46 0.90 -2.14 34.67
CA LEU B 46 1.59 -3.43 34.73
C LEU B 46 0.60 -4.56 34.96
N LEU B 47 0.72 -5.61 34.16
CA LEU B 47 -0.11 -6.80 34.34
C LEU B 47 0.67 -7.95 34.96
N ILE B 48 1.86 -8.23 34.42
CA ILE B 48 2.64 -9.41 34.75
C ILE B 48 4.11 -9.02 34.72
N TYR B 49 4.85 -9.41 35.75
CA TYR B 49 6.30 -9.29 35.73
C TYR B 49 6.92 -10.67 35.95
N ALA B 50 8.20 -10.80 35.62
CA ALA B 50 8.90 -12.08 35.71
C ALA B 50 8.17 -13.15 34.92
N ALA B 51 7.54 -12.76 33.83
CA ALA B 51 7.08 -13.68 32.80
C ALA B 51 5.79 -14.37 33.21
N SER B 52 5.60 -14.60 34.51
CA SER B 52 4.38 -15.29 34.95
C SER B 52 3.76 -14.82 36.27
N ASN B 53 4.29 -13.81 36.95
CA ASN B 53 3.72 -13.35 38.22
C ASN B 53 2.66 -12.28 37.99
N LEU B 54 1.42 -12.54 38.43
CA LEU B 54 0.37 -11.53 38.36
C LEU B 54 0.57 -10.39 39.35
N GLN B 55 0.56 -9.17 38.82
CA GLN B 55 0.52 -8.00 39.70
C GLN B 55 -0.75 -8.01 40.53
N SER B 56 -0.63 -7.55 41.78
CA SER B 56 -1.77 -7.43 42.67
C SER B 56 -2.84 -6.54 42.07
N GLY B 57 -4.09 -7.00 42.15
CA GLY B 57 -5.22 -6.28 41.61
C GLY B 57 -5.53 -6.59 40.18
N VAL B 58 -4.67 -7.37 39.52
CA VAL B 58 -4.88 -7.79 38.14
C VAL B 58 -5.68 -9.09 38.13
N PRO B 59 -6.78 -9.15 37.39
CA PRO B 59 -7.62 -10.36 37.44
C PRO B 59 -6.84 -11.57 36.96
N SER B 60 -7.30 -12.75 37.41
CA SER B 60 -6.61 -14.00 37.17
C SER B 60 -6.77 -14.51 35.74
N ARG B 61 -7.65 -13.91 34.95
CA ARG B 61 -7.76 -14.31 33.55
C ARG B 61 -6.53 -13.93 32.73
N PHE B 62 -5.66 -13.03 33.22
CA PHE B 62 -4.39 -12.72 32.56
C PHE B 62 -3.33 -13.70 33.06
N ARG B 63 -2.83 -14.54 32.15
CA ARG B 63 -1.75 -15.49 32.46
C ARG B 63 -0.58 -15.24 31.53
N GLY B 64 0.62 -15.31 32.10
CA GLY B 64 1.83 -15.21 31.32
C GLY B 64 2.63 -16.49 31.46
N SER B 65 3.32 -16.86 30.39
CA SER B 65 4.14 -18.06 30.37
C SER B 65 5.40 -17.79 29.58
N GLY B 66 6.38 -18.67 29.75
CA GLY B 66 7.59 -18.63 28.98
C GLY B 66 8.85 -18.38 29.81
N SER B 67 9.96 -18.88 29.32
CA SER B 67 11.27 -18.60 29.85
C SER B 67 12.26 -18.70 28.70
N GLY B 68 13.34 -17.95 28.80
CA GLY B 68 14.32 -18.00 27.74
C GLY B 68 14.07 -16.99 26.63
N THR B 69 13.48 -17.45 25.54
CA THR B 69 13.24 -16.65 24.34
C THR B 69 11.78 -16.43 24.00
N ASP B 70 10.90 -17.40 24.26
CA ASP B 70 9.54 -17.37 23.74
C ASP B 70 8.55 -17.26 24.89
N PHE B 71 7.68 -16.24 24.82
CA PHE B 71 6.76 -15.91 25.89
C PHE B 71 5.34 -15.73 25.36
N THR B 72 4.38 -15.91 26.25
CA THR B 72 2.98 -15.84 25.87
C THR B 72 2.20 -15.13 26.95
N LEU B 73 1.31 -14.23 26.53
CA LEU B 73 0.27 -13.67 27.38
C LEU B 73 -1.04 -14.28 26.93
N THR B 74 -1.79 -14.87 27.85
CA THR B 74 -3.12 -15.35 27.50
C THR B 74 -4.18 -14.68 28.37
N ILE B 75 -5.25 -14.22 27.74
CA ILE B 75 -6.44 -13.77 28.43
C ILE B 75 -7.44 -14.90 28.24
N SER B 76 -7.81 -15.58 29.32
CA SER B 76 -8.55 -16.82 29.16
C SER B 76 -10.00 -16.58 28.76
N SER B 77 -10.59 -15.47 29.19
CA SER B 77 -11.98 -15.21 28.85
C SER B 77 -12.14 -13.70 28.76
N LEU B 78 -12.10 -13.18 27.53
CA LEU B 78 -12.04 -11.74 27.30
C LEU B 78 -13.29 -11.04 27.80
N GLN B 79 -13.09 -9.96 28.54
CA GLN B 79 -14.13 -9.14 29.13
C GLN B 79 -14.19 -7.79 28.43
N PRO B 80 -15.32 -7.08 28.54
CA PRO B 80 -15.42 -5.79 27.84
C PRO B 80 -14.33 -4.80 28.21
N GLU B 81 -13.86 -4.81 29.46
CA GLU B 81 -12.80 -3.86 29.80
C GLU B 81 -11.41 -4.27 29.31
N ASP B 82 -11.29 -5.39 28.60
CA ASP B 82 -9.98 -5.88 28.17
C ASP B 82 -9.59 -5.43 26.77
N PHE B 83 -10.51 -4.84 26.01
CA PHE B 83 -10.15 -4.30 24.70
C PHE B 83 -9.21 -3.12 24.89
N ALA B 84 -8.04 -3.18 24.23
CA ALA B 84 -6.89 -2.34 24.57
C ALA B 84 -5.66 -2.74 23.78
N THR B 85 -4.55 -2.05 24.04
CA THR B 85 -3.26 -2.38 23.45
C THR B 85 -2.36 -2.98 24.54
N TYR B 86 -1.65 -4.07 24.20
CA TYR B 86 -0.81 -4.79 25.15
C TYR B 86 0.64 -4.75 24.67
N TYR B 87 1.58 -4.58 25.59
CA TYR B 87 2.99 -4.50 25.25
C TYR B 87 3.76 -5.50 26.08
N CYS B 88 4.76 -6.12 25.47
CA CYS B 88 5.71 -6.88 26.26
C CYS B 88 6.97 -6.02 26.41
N GLN B 89 7.72 -6.32 27.45
CA GLN B 89 8.92 -5.54 27.74
C GLN B 89 9.93 -6.50 28.39
N GLN B 90 11.20 -6.35 28.04
CA GLN B 90 12.31 -7.04 28.74
C GLN B 90 12.96 -5.94 29.58
N TYR B 91 13.02 -6.11 30.90
CA TYR B 91 13.48 -5.01 31.79
C TYR B 91 14.85 -5.21 32.46
N ASN B 92 15.57 -6.29 32.14
CA ASN B 92 16.84 -6.55 32.89
C ASN B 92 18.08 -6.29 32.02
N ILE B 93 17.97 -6.41 30.69
CA ILE B 93 19.17 -6.26 29.83
C ILE B 93 19.18 -4.87 29.20
N TYR B 94 20.05 -3.99 29.65
CA TYR B 94 20.11 -2.63 29.07
C TYR B 94 20.73 -2.73 27.68
N PRO B 95 20.33 -1.94 26.66
CA PRO B 95 19.21 -1.00 26.73
C PRO B 95 17.82 -1.65 26.81
N LEU B 96 16.94 -1.08 27.62
CA LEU B 96 15.60 -1.69 27.81
C LEU B 96 14.80 -1.68 26.50
N THR B 97 13.89 -2.62 26.34
CA THR B 97 13.20 -2.85 25.07
C THR B 97 11.72 -3.21 25.25
N PHE B 98 10.87 -2.69 24.37
CA PHE B 98 9.45 -3.01 24.33
C PHE B 98 9.12 -3.74 23.03
N GLY B 99 8.19 -4.69 23.09
CA GLY B 99 7.60 -5.21 21.87
C GLY B 99 6.81 -4.14 21.12
N GLY B 100 6.36 -4.50 19.94
CA GLY B 100 5.65 -3.58 19.07
C GLY B 100 4.18 -3.33 19.39
N GLY B 101 3.62 -4.02 20.38
CA GLY B 101 2.23 -3.79 20.74
C GLY B 101 1.27 -4.68 19.98
N THR B 102 0.12 -4.92 20.61
CA THR B 102 -0.97 -5.69 20.04
C THR B 102 -2.25 -4.96 20.38
N LYS B 103 -2.96 -4.46 19.37
CA LYS B 103 -4.23 -3.78 19.60
C LYS B 103 -5.38 -4.77 19.47
N VAL B 104 -6.13 -4.93 20.54
CA VAL B 104 -7.27 -5.88 20.57
C VAL B 104 -8.56 -5.08 20.39
N ASP B 105 -9.16 -5.18 19.22
CA ASP B 105 -10.41 -4.47 18.93
C ASP B 105 -11.59 -5.43 18.93
N ILE B 106 -12.79 -4.88 18.76
CA ILE B 106 -14.03 -5.70 18.85
C ILE B 106 -14.41 -6.29 17.50
N LYS B 107 -14.59 -7.60 17.50
CA LYS B 107 -15.11 -8.25 16.31
C LYS B 107 -16.59 -7.94 16.11
N ARG B 108 -16.96 -7.72 14.86
CA ARG B 108 -18.33 -7.58 14.42
C ARG B 108 -18.38 -8.18 13.02
N THR B 109 -19.56 -8.15 12.39
CA THR B 109 -19.66 -8.67 11.04
C THR B 109 -19.02 -7.70 10.03
N VAL B 110 -18.67 -8.24 8.87
CA VAL B 110 -18.06 -7.43 7.81
C VAL B 110 -19.06 -6.35 7.35
N ALA B 111 -18.57 -5.11 7.22
CA ALA B 111 -19.39 -4.03 6.66
C ALA B 111 -18.58 -3.29 5.59
N ALA B 112 -19.09 -3.22 4.36
CA ALA B 112 -18.41 -2.43 3.34
C ALA B 112 -18.53 -0.93 3.63
N PRO B 113 -17.50 -0.14 3.28
CA PRO B 113 -17.65 1.32 3.36
C PRO B 113 -18.64 1.84 2.34
N SER B 114 -19.33 2.92 2.73
CA SER B 114 -19.87 3.88 1.80
C SER B 114 -18.77 4.91 1.48
N VAL B 115 -18.65 5.28 0.21
CA VAL B 115 -17.50 6.05 -0.30
C VAL B 115 -17.98 7.36 -0.91
N PHE B 116 -17.28 8.44 -0.57
CA PHE B 116 -17.60 9.79 -1.02
C PHE B 116 -16.29 10.51 -1.38
N ILE B 117 -16.33 11.33 -2.43
CA ILE B 117 -15.18 12.12 -2.86
C ILE B 117 -15.56 13.59 -2.85
N PHE B 118 -14.65 14.45 -2.41
CA PHE B 118 -14.91 15.88 -2.37
C PHE B 118 -13.85 16.63 -3.14
N PRO B 119 -14.19 17.36 -4.18
CA PRO B 119 -13.22 18.23 -4.86
C PRO B 119 -12.75 19.34 -3.92
N PRO B 120 -11.68 20.06 -4.25
CA PRO B 120 -11.33 21.25 -3.46
C PRO B 120 -12.36 22.35 -3.67
N SER B 121 -12.58 23.09 -2.58
CA SER B 121 -13.48 24.24 -2.60
C SER B 121 -12.85 25.38 -3.40
N ASP B 122 -13.70 26.22 -3.97
CA ASP B 122 -13.14 27.38 -4.63
C ASP B 122 -12.37 28.23 -3.65
N GLU B 123 -12.86 28.30 -2.41
CA GLU B 123 -12.18 29.08 -1.39
C GLU B 123 -10.76 28.56 -1.15
N GLN B 124 -10.58 27.25 -1.08
CA GLN B 124 -9.20 26.77 -0.90
C GLN B 124 -8.35 27.05 -2.14
N LEU B 125 -8.94 26.96 -3.35
CA LEU B 125 -8.16 27.22 -4.55
C LEU B 125 -7.73 28.68 -4.62
N LYS B 126 -8.60 29.62 -4.24
CA LYS B 126 -8.18 31.01 -4.24
C LYS B 126 -6.97 31.18 -3.33
N SER B 127 -6.83 30.30 -2.33
CA SER B 127 -5.70 30.36 -1.40
C SER B 127 -4.44 29.74 -2.00
N GLY B 128 -4.57 28.88 -3.00
CA GLY B 128 -3.37 28.40 -3.65
C GLY B 128 -3.04 26.92 -3.50
N THR B 129 -3.90 26.19 -2.76
CA THR B 129 -3.73 24.77 -2.52
C THR B 129 -5.03 24.05 -2.89
N ALA B 130 -4.89 22.76 -3.21
CA ALA B 130 -6.01 21.91 -3.59
C ALA B 130 -5.92 20.62 -2.78
N SER B 131 -6.91 20.40 -1.92
CA SER B 131 -7.07 19.15 -1.16
C SER B 131 -8.27 18.40 -1.70
N VAL B 132 -8.05 17.19 -2.17
CA VAL B 132 -9.13 16.33 -2.64
C VAL B 132 -9.34 15.28 -1.56
N VAL B 133 -10.59 15.07 -1.14
CA VAL B 133 -10.83 14.17 0.00
C VAL B 133 -11.65 12.96 -0.46
N CYS B 134 -11.24 11.79 -0.01
CA CYS B 134 -11.97 10.55 -0.23
C CYS B 134 -12.33 9.96 1.14
N LEU B 135 -13.62 9.77 1.39
CA LEU B 135 -14.13 9.37 2.69
C LEU B 135 -14.64 7.93 2.62
N LEU B 136 -14.14 7.06 3.49
CA LEU B 136 -14.69 5.72 3.69
C LEU B 136 -15.42 5.71 5.02
N ASN B 137 -16.73 5.44 5.00
CA ASN B 137 -17.60 5.67 6.15
C ASN B 137 -18.10 4.33 6.70
N ASN B 138 -17.82 4.06 7.98
CA ASN B 138 -18.49 3.00 8.74
C ASN B 138 -18.29 1.60 8.15
N PHE B 139 -17.04 1.15 8.14
CA PHE B 139 -16.69 -0.15 7.58
C PHE B 139 -16.01 -1.00 8.65
N TYR B 140 -15.93 -2.30 8.36
CA TYR B 140 -15.29 -3.29 9.21
C TYR B 140 -14.96 -4.48 8.33
N PRO B 141 -13.78 -5.13 8.49
CA PRO B 141 -12.70 -4.76 9.41
C PRO B 141 -11.86 -3.55 8.96
N ARG B 142 -10.86 -3.23 9.76
CA ARG B 142 -10.11 -1.98 9.58
C ARG B 142 -9.31 -1.96 8.27
N GLU B 143 -8.84 -3.11 7.80
CA GLU B 143 -7.98 -3.13 6.62
C GLU B 143 -8.74 -2.63 5.40
N ALA B 144 -8.18 -1.61 4.74
CA ALA B 144 -8.74 -1.03 3.53
C ALA B 144 -7.61 -0.39 2.72
N LYS B 145 -7.84 -0.22 1.43
CA LYS B 145 -6.83 0.35 0.55
C LYS B 145 -7.48 1.42 -0.30
N VAL B 146 -6.85 2.60 -0.31
CA VAL B 146 -7.34 3.75 -1.07
C VAL B 146 -6.22 4.20 -2.01
N GLN B 147 -6.51 4.23 -3.31
CA GLN B 147 -5.54 4.62 -4.33
C GLN B 147 -6.11 5.75 -5.18
N TRP B 148 -5.28 6.76 -5.39
CA TRP B 148 -5.65 7.94 -6.16
C TRP B 148 -5.15 7.81 -7.58
N LYS B 149 -5.99 8.18 -8.52
CA LYS B 149 -5.61 8.21 -9.92
C LYS B 149 -6.02 9.56 -10.50
N VAL B 150 -5.04 10.29 -11.03
CA VAL B 150 -5.26 11.58 -11.66
C VAL B 150 -5.02 11.40 -13.16
N ASP B 151 -6.04 11.66 -13.98
CA ASP B 151 -6.02 11.35 -15.42
C ASP B 151 -5.49 9.95 -15.67
N ASN B 152 -5.89 9.00 -14.83
CA ASN B 152 -5.58 7.58 -14.89
C ASN B 152 -4.18 7.23 -14.41
N ALA B 153 -3.37 8.19 -13.98
CA ALA B 153 -2.07 7.91 -13.41
C ALA B 153 -2.20 7.72 -11.91
N LEU B 154 -1.71 6.59 -11.41
CA LEU B 154 -1.67 6.33 -9.98
C LEU B 154 -0.72 7.30 -9.28
N GLN B 155 -1.19 7.88 -8.17
CA GLN B 155 -0.41 8.84 -7.39
C GLN B 155 0.34 8.16 -6.25
N SER B 156 1.50 8.72 -5.92
CA SER B 156 2.33 8.22 -4.84
C SER B 156 2.90 9.40 -4.09
N GLY B 157 2.96 9.30 -2.77
CA GLY B 157 3.70 10.26 -1.99
C GLY B 157 3.03 11.60 -1.78
N ASN B 158 1.87 11.85 -2.38
CA ASN B 158 1.19 13.12 -2.20
C ASN B 158 -0.16 12.97 -1.49
N SER B 159 -0.34 11.93 -0.66
CA SER B 159 -1.59 11.78 0.08
C SER B 159 -1.31 11.25 1.47
N GLN B 160 -2.31 11.42 2.35
CA GLN B 160 -2.24 11.06 3.75
C GLN B 160 -3.59 10.49 4.17
N GLU B 161 -3.58 9.56 5.11
CA GLU B 161 -4.78 8.88 5.58
C GLU B 161 -4.92 9.05 7.07
N SER B 162 -6.16 9.11 7.56
CA SER B 162 -6.31 8.82 8.97
C SER B 162 -7.62 8.10 9.19
N VAL B 163 -7.69 7.41 10.33
CA VAL B 163 -8.74 6.47 10.66
C VAL B 163 -9.26 6.80 12.05
N THR B 164 -10.57 6.70 12.23
CA THR B 164 -11.13 6.89 13.56
C THR B 164 -10.85 5.68 14.47
N GLU B 165 -10.99 5.89 15.78
CA GLU B 165 -11.02 4.71 16.63
C GLU B 165 -12.31 3.95 16.36
N GLN B 166 -12.34 2.70 16.79
CA GLN B 166 -13.54 1.90 16.60
C GLN B 166 -14.76 2.60 17.22
N ASP B 167 -15.84 2.69 16.44
CA ASP B 167 -17.05 3.36 16.92
C ASP B 167 -17.63 2.64 18.14
N SER B 168 -17.94 3.40 19.19
CA SER B 168 -18.41 2.80 20.44
C SER B 168 -19.80 2.19 20.29
N LYS B 169 -20.59 2.57 19.30
CA LYS B 169 -21.94 2.02 19.15
C LYS B 169 -22.10 0.98 18.05
N ASP B 170 -21.41 1.10 16.92
CA ASP B 170 -21.58 0.08 15.91
C ASP B 170 -20.27 -0.61 15.58
N SER B 171 -19.20 -0.32 16.32
CA SER B 171 -17.90 -1.00 16.22
C SER B 171 -17.30 -0.93 14.82
N THR B 172 -17.60 0.12 14.05
CA THR B 172 -16.98 0.25 12.74
C THR B 172 -15.84 1.27 12.81
N TYR B 173 -15.13 1.39 11.68
CA TYR B 173 -14.11 2.41 11.48
C TYR B 173 -14.53 3.32 10.34
N SER B 174 -13.97 4.53 10.32
CA SER B 174 -14.12 5.41 9.18
C SER B 174 -12.73 5.90 8.79
N LEU B 175 -12.58 6.24 7.52
CA LEU B 175 -11.27 6.60 6.99
C LEU B 175 -11.40 7.78 6.03
N SER B 176 -10.45 8.70 6.12
CA SER B 176 -10.31 9.75 5.12
C SER B 176 -8.93 9.65 4.48
N SER B 177 -8.87 9.75 3.16
CA SER B 177 -7.61 9.90 2.43
C SER B 177 -7.64 11.23 1.69
N THR B 178 -6.57 12.00 1.86
CA THR B 178 -6.49 13.39 1.42
C THR B 178 -5.32 13.53 0.46
N LEU B 179 -5.64 13.82 -0.80
CA LEU B 179 -4.66 14.14 -1.83
C LEU B 179 -4.41 15.66 -1.84
N THR B 180 -3.16 16.08 -1.63
CA THR B 180 -2.85 17.50 -1.52
C THR B 180 -1.89 17.90 -2.63
N LEU B 181 -2.32 18.87 -3.45
CA LEU B 181 -1.56 19.39 -4.58
C LEU B 181 -1.54 20.91 -4.52
N SER B 182 -0.52 21.51 -5.14
CA SER B 182 -0.58 22.94 -5.36
C SER B 182 -1.76 23.26 -6.26
N LYS B 183 -2.24 24.51 -6.21
CA LYS B 183 -3.25 24.92 -7.19
C LYS B 183 -2.75 24.71 -8.63
N ALA B 184 -1.51 25.15 -8.93
CA ALA B 184 -0.92 24.91 -10.26
C ALA B 184 -1.03 23.45 -10.70
N ASP B 185 -0.60 22.50 -9.85
CA ASP B 185 -0.63 21.11 -10.28
C ASP B 185 -2.05 20.60 -10.46
N TYR B 186 -2.97 20.97 -9.54
CA TYR B 186 -4.37 20.59 -9.68
C TYR B 186 -4.93 21.01 -11.03
N GLU B 187 -4.56 22.20 -11.50
CA GLU B 187 -5.07 22.64 -12.79
C GLU B 187 -4.42 21.92 -13.97
N LYS B 188 -3.33 21.17 -13.78
CA LYS B 188 -2.74 20.44 -14.92
C LYS B 188 -3.65 19.36 -15.46
N HIS B 189 -4.65 18.90 -14.69
CA HIS B 189 -5.33 17.64 -14.98
C HIS B 189 -6.83 17.79 -14.82
N LYS B 190 -7.57 16.89 -15.46
CA LYS B 190 -9.03 16.94 -15.49
C LYS B 190 -9.72 15.98 -14.54
N VAL B 191 -9.37 14.69 -14.55
CA VAL B 191 -10.14 13.65 -13.87
C VAL B 191 -9.44 13.26 -12.57
N TYR B 192 -10.20 13.29 -11.47
CA TYR B 192 -9.71 12.93 -10.15
C TYR B 192 -10.53 11.74 -9.66
N ALA B 193 -9.84 10.69 -9.21
CA ALA B 193 -10.55 9.48 -8.82
C ALA B 193 -9.85 8.83 -7.63
N CYS B 194 -10.62 8.30 -6.69
CA CYS B 194 -10.07 7.42 -5.66
C CYS B 194 -10.71 6.05 -5.83
N GLU B 195 -9.90 5.00 -5.72
CA GLU B 195 -10.42 3.64 -5.84
C GLU B 195 -10.24 2.93 -4.51
N VAL B 196 -11.32 2.38 -4.00
CA VAL B 196 -11.36 1.84 -2.66
C VAL B 196 -11.48 0.34 -2.77
N THR B 197 -10.61 -0.39 -2.08
CA THR B 197 -10.70 -1.84 -2.04
C THR B 197 -10.91 -2.26 -0.59
N HIS B 198 -11.92 -3.10 -0.37
CA HIS B 198 -12.28 -3.53 0.96
C HIS B 198 -12.97 -4.88 0.85
N GLN B 199 -12.64 -5.81 1.75
CA GLN B 199 -13.16 -7.16 1.63
C GLN B 199 -14.67 -7.21 1.68
N GLY B 200 -15.33 -6.20 2.24
CA GLY B 200 -16.78 -6.16 2.16
C GLY B 200 -17.31 -5.78 0.78
N LEU B 201 -16.44 -5.35 -0.13
CA LEU B 201 -16.86 -4.99 -1.48
C LEU B 201 -16.41 -6.11 -2.43
N SER B 202 -17.33 -6.59 -3.25
CA SER B 202 -16.99 -7.69 -4.17
C SER B 202 -15.96 -7.24 -5.21
N SER B 203 -16.04 -6.00 -5.68
CA SER B 203 -15.03 -5.39 -6.50
C SER B 203 -14.72 -3.98 -6.01
N PRO B 204 -13.52 -3.46 -6.28
CA PRO B 204 -13.18 -2.11 -5.86
C PRO B 204 -14.16 -1.07 -6.38
N VAL B 205 -14.36 -0.03 -5.57
CA VAL B 205 -15.30 1.03 -5.88
C VAL B 205 -14.51 2.28 -6.27
N THR B 206 -14.91 2.92 -7.35
CA THR B 206 -14.30 4.14 -7.81
C THR B 206 -15.28 5.30 -7.68
N LYS B 207 -14.85 6.37 -7.00
CA LYS B 207 -15.53 7.66 -7.05
C LYS B 207 -14.60 8.63 -7.77
N SER B 208 -15.17 9.46 -8.65
CA SER B 208 -14.39 10.33 -9.50
C SER B 208 -15.19 11.57 -9.86
N PHE B 209 -14.49 12.57 -10.38
CA PHE B 209 -15.14 13.78 -10.87
C PHE B 209 -14.20 14.43 -11.87
N ASN B 210 -14.78 15.26 -12.74
CA ASN B 210 -14.06 16.14 -13.64
C ASN B 210 -13.85 17.48 -12.96
N ARG B 211 -12.60 17.94 -12.92
CA ARG B 211 -12.32 19.24 -12.33
C ARG B 211 -13.17 20.31 -13.00
N GLY B 212 -13.77 21.18 -12.19
CA GLY B 212 -14.62 22.25 -12.70
C GLY B 212 -16.07 21.87 -12.97
N GLU B 213 -16.44 20.60 -12.82
CA GLU B 213 -17.83 20.16 -12.96
C GLU B 213 -18.64 20.55 -11.72
N CYS B 214 -19.95 20.69 -11.92
CA CYS B 214 -20.83 20.99 -10.80
C CYS B 214 -22.27 20.55 -11.06
N GLN C 1 -4.23 -15.16 -45.67
CA GLN C 1 -5.24 -14.29 -45.07
C GLN C 1 -4.58 -13.10 -44.37
N VAL C 2 -5.36 -12.38 -43.55
CA VAL C 2 -4.91 -11.12 -42.98
C VAL C 2 -3.74 -11.38 -42.03
N GLN C 3 -2.63 -10.68 -42.25
CA GLN C 3 -1.43 -10.87 -41.44
C GLN C 3 -0.74 -9.54 -41.24
N LEU C 4 -0.14 -9.37 -40.05
CA LEU C 4 0.67 -8.20 -39.71
C LEU C 4 1.86 -8.71 -38.92
N VAL C 5 3.06 -8.47 -39.40
CA VAL C 5 4.26 -8.99 -38.74
C VAL C 5 5.17 -7.82 -38.41
N GLU C 6 5.32 -7.52 -37.13
CA GLU C 6 6.21 -6.46 -36.69
C GLU C 6 7.60 -7.03 -36.51
N SER C 7 8.62 -6.22 -36.79
CA SER C 7 9.99 -6.64 -36.55
C SER C 7 10.84 -5.42 -36.21
N GLY C 8 12.05 -5.67 -35.70
CA GLY C 8 13.01 -4.63 -35.41
C GLY C 8 13.24 -4.40 -33.93
N GLY C 9 12.40 -4.96 -33.06
CA GLY C 9 12.59 -4.74 -31.65
C GLY C 9 13.83 -5.43 -31.14
N GLY C 10 14.39 -4.87 -30.09
CA GLY C 10 15.53 -5.47 -29.43
C GLY C 10 16.01 -4.54 -28.34
N VAL C 11 17.20 -4.83 -27.81
CA VAL C 11 17.83 -4.02 -26.78
C VAL C 11 18.49 -2.79 -27.40
N VAL C 12 18.25 -1.63 -26.79
CA VAL C 12 18.72 -0.35 -27.29
C VAL C 12 19.00 0.54 -26.10
N GLN C 13 20.05 1.37 -26.21
CA GLN C 13 20.47 2.22 -25.11
C GLN C 13 19.71 3.54 -25.14
N PRO C 14 19.46 4.14 -23.96
CA PRO C 14 18.75 5.42 -23.94
C PRO C 14 19.51 6.47 -24.73
N GLY C 15 18.75 7.37 -25.35
CA GLY C 15 19.31 8.33 -26.27
C GLY C 15 19.41 7.86 -27.71
N ARG C 16 19.50 6.55 -27.97
CA ARG C 16 19.64 6.07 -29.33
C ARG C 16 18.28 5.96 -30.02
N SER C 17 18.31 5.35 -31.20
CA SER C 17 17.19 5.32 -32.11
C SER C 17 17.00 3.89 -32.60
N LEU C 18 15.81 3.64 -33.13
CA LEU C 18 15.47 2.32 -33.58
C LEU C 18 14.28 2.46 -34.53
N ARG C 19 14.27 1.60 -35.54
CA ARG C 19 13.24 1.60 -36.57
C ARG C 19 12.49 0.28 -36.51
N LEU C 20 11.18 0.35 -36.33
CA LEU C 20 10.35 -0.84 -36.42
C LEU C 20 9.63 -0.90 -37.76
N SER C 21 9.35 -2.12 -38.20
CA SER C 21 8.62 -2.34 -39.43
C SER C 21 7.42 -3.24 -39.15
N CYS C 22 6.34 -3.00 -39.87
CA CYS C 22 5.19 -3.87 -39.81
C CYS C 22 4.77 -4.21 -41.23
N ALA C 23 4.95 -5.47 -41.61
CA ALA C 23 4.68 -5.94 -42.97
C ALA C 23 3.34 -6.64 -42.99
N SER C 24 2.50 -6.28 -43.96
CA SER C 24 1.17 -6.82 -44.07
C SER C 24 1.08 -7.80 -45.22
N SER C 25 0.13 -8.74 -45.10
CA SER C 25 -0.25 -9.59 -46.20
C SER C 25 -1.73 -9.91 -46.07
N GLY C 26 -2.34 -10.31 -47.18
CA GLY C 26 -3.69 -10.83 -47.17
C GLY C 26 -4.80 -9.80 -47.24
N PHE C 27 -4.50 -8.52 -47.46
CA PHE C 27 -5.53 -7.51 -47.62
C PHE C 27 -4.95 -6.31 -48.36
N THR C 28 -5.83 -5.40 -48.76
CA THR C 28 -5.45 -4.20 -49.49
C THR C 28 -4.88 -3.17 -48.51
N PHE C 29 -3.57 -3.26 -48.30
CA PHE C 29 -2.87 -2.36 -47.38
C PHE C 29 -3.16 -0.90 -47.67
N SER C 30 -3.23 -0.53 -48.96
CA SER C 30 -3.28 0.87 -49.35
C SER C 30 -4.56 1.59 -48.92
N THR C 31 -5.64 0.88 -48.60
CA THR C 31 -6.84 1.61 -48.17
C THR C 31 -7.04 1.58 -46.65
N TYR C 32 -6.08 1.04 -45.89
CA TYR C 32 -6.18 0.97 -44.43
C TYR C 32 -5.27 1.99 -43.78
N HIS C 33 -5.81 2.73 -42.81
CA HIS C 33 -4.95 3.43 -41.86
C HIS C 33 -4.22 2.43 -40.96
N MET C 34 -3.07 2.84 -40.44
CA MET C 34 -2.28 1.99 -39.58
C MET C 34 -1.93 2.71 -38.28
N HIS C 35 -1.84 1.94 -37.20
CA HIS C 35 -1.51 2.46 -35.88
C HIS C 35 -0.41 1.62 -35.26
N TRP C 36 0.30 2.23 -34.34
CA TRP C 36 1.12 1.54 -33.37
C TRP C 36 0.53 1.76 -31.99
N VAL C 37 0.49 0.71 -31.14
CA VAL C 37 0.15 0.96 -29.74
C VAL C 37 1.14 0.12 -28.94
N ARG C 38 1.55 0.60 -27.78
CA ARG C 38 2.54 -0.17 -27.06
C ARG C 38 1.96 -0.63 -25.73
N GLN C 39 2.63 -1.63 -25.14
CA GLN C 39 2.17 -2.21 -23.89
C GLN C 39 3.43 -2.49 -23.06
N PRO C 40 3.71 -1.64 -22.06
CA PRO C 40 4.85 -1.94 -21.19
C PRO C 40 4.58 -3.19 -20.38
N PRO C 41 5.64 -3.93 -20.01
CA PRO C 41 5.44 -5.25 -19.39
C PRO C 41 4.56 -5.13 -18.16
N GLY C 42 3.52 -5.98 -18.10
CA GLY C 42 2.61 -5.92 -16.98
C GLY C 42 1.69 -4.73 -16.92
N LYS C 43 1.62 -3.89 -17.95
CA LYS C 43 0.79 -2.68 -17.91
C LYS C 43 -0.29 -2.74 -18.99
N GLY C 44 -1.00 -1.61 -19.19
CA GLY C 44 -2.09 -1.54 -20.13
C GLY C 44 -1.68 -1.16 -21.55
N LEU C 45 -2.69 -0.90 -22.38
CA LEU C 45 -2.48 -0.49 -23.75
C LEU C 45 -2.33 1.02 -23.84
N GLU C 46 -1.41 1.49 -24.69
CA GLU C 46 -1.18 2.92 -24.88
C GLU C 46 -0.99 3.23 -26.37
N TRP C 47 -1.88 4.06 -26.92
CA TRP C 47 -1.81 4.42 -28.34
C TRP C 47 -0.61 5.33 -28.59
N VAL C 48 0.11 5.08 -29.70
CA VAL C 48 1.38 5.77 -29.97
C VAL C 48 1.26 6.71 -31.17
N ALA C 49 0.79 6.20 -32.31
CA ALA C 49 0.83 6.96 -33.56
C ALA C 49 -0.15 6.37 -34.55
N PHE C 50 -0.58 7.22 -35.48
CA PHE C 50 -1.54 6.97 -36.54
C PHE C 50 -0.96 7.41 -37.88
N ILE C 51 -1.31 6.72 -38.96
CA ILE C 51 -1.03 7.23 -40.30
C ILE C 51 -2.15 6.81 -41.23
N SER C 52 -2.66 7.75 -42.03
CA SER C 52 -3.83 7.42 -42.84
C SER C 52 -3.45 6.53 -44.03
N TYR C 53 -4.49 6.11 -44.78
CA TYR C 53 -4.34 5.22 -45.93
C TYR C 53 -3.41 5.85 -46.97
N ASP C 54 -3.63 7.14 -47.27
CA ASP C 54 -2.79 8.07 -48.02
C ASP C 54 -1.33 8.11 -47.60
N GLY C 55 -1.10 8.09 -46.29
CA GLY C 55 0.12 8.63 -45.75
C GLY C 55 0.11 10.13 -45.55
N SER C 56 -1.02 10.80 -45.87
CA SER C 56 -1.08 12.26 -45.81
C SER C 56 -1.45 12.82 -44.43
N ASN C 57 -2.10 12.02 -43.58
CA ASN C 57 -2.42 12.41 -42.21
C ASN C 57 -1.69 11.48 -41.25
N TYR C 58 -1.16 12.05 -40.18
CA TYR C 58 -0.52 11.28 -39.11
C TYR C 58 -0.77 12.01 -37.81
N TYR C 59 -0.68 11.28 -36.70
CA TYR C 59 -0.82 11.89 -35.38
C TYR C 59 -0.08 11.03 -34.37
N TYR C 60 0.44 11.69 -33.35
CA TYR C 60 1.28 11.06 -32.35
C TYR C 60 0.70 11.33 -30.96
N SER C 61 0.94 10.40 -30.05
CA SER C 61 0.57 10.62 -28.67
C SER C 61 1.52 11.65 -28.05
N ASP C 62 1.03 12.29 -26.99
CA ASP C 62 1.83 13.32 -26.34
C ASP C 62 3.14 12.74 -25.82
N SER C 63 3.15 11.47 -25.40
CA SER C 63 4.36 10.91 -24.82
C SER C 63 5.50 10.75 -25.84
N VAL C 64 5.22 10.70 -27.14
CA VAL C 64 6.26 10.43 -28.14
C VAL C 64 6.37 11.54 -29.18
N LYS C 65 5.45 12.50 -29.21
CA LYS C 65 5.49 13.56 -30.21
C LYS C 65 6.85 14.25 -30.21
N GLY C 66 7.35 14.55 -31.40
CA GLY C 66 8.66 15.13 -31.56
C GLY C 66 9.83 14.17 -31.45
N ARG C 67 9.60 12.92 -31.02
CA ARG C 67 10.66 11.93 -30.96
C ARG C 67 10.44 10.78 -31.91
N PHE C 68 9.18 10.42 -32.18
CA PHE C 68 8.85 9.31 -33.05
C PHE C 68 8.30 9.84 -34.37
N THR C 69 8.54 9.07 -35.43
CA THR C 69 8.05 9.37 -36.77
C THR C 69 7.40 8.12 -37.34
N ILE C 70 6.18 8.25 -37.80
CA ILE C 70 5.53 7.16 -38.49
C ILE C 70 5.59 7.44 -39.98
N SER C 71 5.64 6.38 -40.78
CA SER C 71 5.66 6.51 -42.24
C SER C 71 5.17 5.18 -42.83
N ARG C 72 4.93 5.20 -44.13
CA ARG C 72 4.49 3.97 -44.78
C ARG C 72 4.96 3.96 -46.23
N ASP C 73 5.10 2.74 -46.74
CA ASP C 73 5.43 2.49 -48.14
C ASP C 73 4.35 1.54 -48.67
N ASN C 74 3.35 2.09 -49.34
CA ASN C 74 2.25 1.25 -49.82
C ASN C 74 2.74 0.27 -50.86
N SER C 75 3.66 0.70 -51.74
CA SER C 75 4.24 -0.24 -52.70
C SER C 75 4.91 -1.43 -52.02
N LYS C 76 5.33 -1.29 -50.75
CA LYS C 76 5.92 -2.42 -50.04
C LYS C 76 5.00 -3.03 -48.99
N ASN C 77 3.78 -2.52 -48.81
CA ASN C 77 2.82 -3.08 -47.86
C ASN C 77 3.33 -3.08 -46.41
N THR C 78 4.14 -2.09 -46.06
CA THR C 78 4.71 -2.02 -44.73
C THR C 78 4.59 -0.61 -44.20
N VAL C 79 4.45 -0.49 -42.88
CA VAL C 79 4.37 0.77 -42.17
C VAL C 79 5.53 0.77 -41.18
N TYR C 80 6.07 1.96 -40.91
CA TYR C 80 7.31 2.09 -40.13
C TYR C 80 7.09 2.97 -38.90
N LEU C 81 7.90 2.73 -37.88
CA LEU C 81 7.92 3.61 -36.71
C LEU C 81 9.38 3.91 -36.41
N GLN C 82 9.80 5.13 -36.74
CA GLN C 82 11.13 5.62 -36.40
C GLN C 82 11.09 6.22 -35.00
N MET C 83 11.84 5.64 -34.07
CA MET C 83 11.88 6.01 -32.66
C MET C 83 13.24 6.59 -32.31
N ASN C 84 13.29 7.90 -32.05
CA ASN C 84 14.53 8.56 -31.68
C ASN C 84 14.50 8.97 -30.21
N SER C 85 15.69 9.27 -29.70
CA SER C 85 15.87 9.77 -28.34
C SER C 85 15.11 8.89 -27.35
N LEU C 86 15.46 7.61 -27.38
CA LEU C 86 14.70 6.62 -26.62
C LEU C 86 14.99 6.75 -25.13
N ARG C 87 13.98 6.48 -24.31
CA ARG C 87 14.16 6.53 -22.87
C ARG C 87 13.54 5.28 -22.25
N ALA C 88 13.92 5.02 -21.00
CA ALA C 88 13.55 3.76 -20.36
C ALA C 88 12.04 3.54 -20.36
N GLU C 89 11.26 4.62 -20.34
CA GLU C 89 9.82 4.48 -20.26
C GLU C 89 9.20 4.07 -21.58
N ASP C 90 10.00 3.98 -22.64
CA ASP C 90 9.54 3.49 -23.93
C ASP C 90 9.61 1.98 -24.06
N THR C 91 10.26 1.32 -23.11
CA THR C 91 10.33 -0.14 -23.07
C THR C 91 8.93 -0.73 -23.12
N ALA C 92 8.66 -1.57 -24.12
CA ALA C 92 7.29 -2.05 -24.30
C ALA C 92 7.24 -3.01 -25.47
N LEU C 93 6.15 -3.76 -25.53
CA LEU C 93 5.81 -4.51 -26.72
C LEU C 93 5.06 -3.58 -27.67
N TYR C 94 5.53 -3.48 -28.92
CA TYR C 94 4.97 -2.54 -29.88
C TYR C 94 4.11 -3.30 -30.88
N TYR C 95 2.82 -2.99 -30.90
CA TYR C 95 1.87 -3.64 -31.79
C TYR C 95 1.60 -2.75 -32.97
N CYS C 96 1.40 -3.37 -34.11
CA CYS C 96 0.87 -2.76 -35.31
C CYS C 96 -0.58 -3.22 -35.48
N ALA C 97 -1.48 -2.29 -35.76
CA ALA C 97 -2.90 -2.63 -35.90
C ALA C 97 -3.54 -1.84 -37.03
N ARG C 98 -4.41 -2.50 -37.77
CA ARG C 98 -5.00 -1.85 -38.95
C ARG C 98 -6.34 -1.20 -38.59
N ASP C 99 -6.76 -0.27 -39.43
CA ASP C 99 -7.93 0.56 -39.12
C ASP C 99 -8.55 1.06 -40.42
N SER C 100 -9.83 0.76 -40.64
CA SER C 100 -10.53 1.30 -41.81
C SER C 100 -11.64 2.29 -41.46
N SER C 101 -11.73 2.71 -40.20
CA SER C 101 -12.74 3.69 -39.81
C SER C 101 -12.51 5.01 -40.55
N GLY C 102 -13.59 5.59 -41.08
CA GLY C 102 -13.54 6.71 -41.98
C GLY C 102 -14.07 6.38 -43.36
N TRP C 103 -14.03 5.12 -43.73
CA TRP C 103 -14.72 4.63 -44.92
C TRP C 103 -16.06 4.09 -44.44
N HIS C 104 -17.10 4.36 -45.24
CA HIS C 104 -18.46 4.01 -44.87
C HIS C 104 -18.60 2.55 -44.42
N TRP C 105 -17.67 1.70 -44.80
CA TRP C 105 -17.68 0.28 -44.43
C TRP C 105 -16.64 -0.04 -43.37
N GLY C 106 -16.02 0.96 -42.76
CA GLY C 106 -14.80 0.73 -42.02
C GLY C 106 -15.01 0.26 -40.59
N VAL C 107 -13.92 -0.30 -40.04
CA VAL C 107 -13.88 -0.85 -38.69
C VAL C 107 -12.56 -0.48 -38.00
N PRO C 108 -12.58 0.09 -36.79
CA PRO C 108 -11.33 0.46 -36.12
C PRO C 108 -10.64 -0.75 -35.50
N PHE C 109 -9.30 -0.73 -35.56
CA PHE C 109 -8.42 -1.61 -34.77
C PHE C 109 -8.86 -3.07 -34.82
N ASP C 110 -9.29 -3.53 -36.00
CA ASP C 110 -9.90 -4.85 -36.10
C ASP C 110 -8.89 -5.98 -36.31
N TYR C 111 -7.64 -5.67 -36.63
CA TYR C 111 -6.60 -6.71 -36.62
C TYR C 111 -5.28 -6.13 -36.12
N TRP C 112 -4.65 -6.85 -35.21
CA TRP C 112 -3.40 -6.45 -34.59
C TRP C 112 -2.37 -7.52 -34.89
N GLY C 113 -1.11 -7.11 -35.15
CA GLY C 113 -0.03 -8.07 -35.12
C GLY C 113 0.27 -8.56 -33.70
N GLN C 114 1.19 -9.52 -33.59
CA GLN C 114 1.53 -10.02 -32.26
C GLN C 114 2.63 -9.20 -31.56
N GLY C 115 3.28 -8.28 -32.23
CA GLY C 115 4.08 -7.33 -31.51
C GLY C 115 5.57 -7.59 -31.63
N THR C 116 6.35 -6.52 -31.44
CA THR C 116 7.80 -6.63 -31.37
C THR C 116 8.27 -5.88 -30.13
N LEU C 117 9.18 -6.48 -29.40
CA LEU C 117 9.58 -6.02 -28.09
C LEU C 117 10.77 -5.07 -28.16
N VAL C 118 10.63 -3.90 -27.54
CA VAL C 118 11.68 -2.90 -27.48
C VAL C 118 12.09 -2.72 -26.02
N THR C 119 13.35 -2.95 -25.73
CA THR C 119 13.88 -2.83 -24.38
C THR C 119 14.92 -1.72 -24.41
N VAL C 120 14.63 -0.61 -23.72
CA VAL C 120 15.53 0.53 -23.67
C VAL C 120 16.30 0.47 -22.36
N SER C 121 17.60 0.22 -22.45
CA SER C 121 18.38 -0.02 -21.24
C SER C 121 19.86 0.25 -21.49
N SER C 122 20.55 0.64 -20.41
CA SER C 122 22.00 0.85 -20.42
C SER C 122 22.77 -0.40 -20.04
N ALA C 123 22.07 -1.46 -19.65
CA ALA C 123 22.68 -2.68 -19.14
C ALA C 123 23.31 -3.48 -20.26
N SER C 124 24.29 -4.29 -19.88
CA SER C 124 24.92 -5.22 -20.77
C SER C 124 24.52 -6.63 -20.39
N THR C 125 24.49 -7.51 -21.38
CA THR C 125 24.19 -8.92 -21.17
C THR C 125 24.96 -9.51 -20.01
N LYS C 126 24.29 -10.42 -19.27
CA LYS C 126 24.83 -11.01 -18.06
C LYS C 126 23.96 -12.16 -17.60
N GLY C 127 24.57 -13.31 -17.39
CA GLY C 127 23.86 -14.46 -16.88
C GLY C 127 23.61 -14.28 -15.41
N PRO C 128 22.61 -14.97 -14.89
CA PRO C 128 22.25 -14.79 -13.48
C PRO C 128 23.12 -15.61 -12.55
N SER C 129 23.21 -15.12 -11.31
CA SER C 129 23.59 -15.95 -10.17
C SER C 129 22.35 -16.65 -9.66
N VAL C 130 22.52 -17.88 -9.18
CA VAL C 130 21.40 -18.69 -8.75
C VAL C 130 21.66 -19.10 -7.31
N PHE C 131 20.81 -18.61 -6.39
CA PHE C 131 21.05 -18.88 -4.99
C PHE C 131 19.93 -19.74 -4.40
N PRO C 132 20.23 -20.58 -3.41
CA PRO C 132 19.18 -21.43 -2.85
C PRO C 132 18.27 -20.66 -1.92
N LEU C 133 16.99 -21.01 -1.95
CA LEU C 133 16.00 -20.60 -0.94
C LEU C 133 15.71 -21.86 -0.15
N ALA C 134 16.50 -22.07 0.91
CA ALA C 134 16.56 -23.35 1.61
C ALA C 134 15.33 -23.55 2.48
N PRO C 135 14.78 -24.76 2.52
CA PRO C 135 13.63 -25.00 3.40
C PRO C 135 14.01 -24.78 4.86
N SER C 136 13.02 -24.36 5.65
CA SER C 136 13.23 -23.89 7.00
C SER C 136 13.52 -25.05 7.96
N SER C 137 14.37 -24.76 8.96
CA SER C 137 14.80 -25.79 9.92
C SER C 137 13.61 -26.42 10.64
N LYS C 138 12.58 -25.63 10.94
CA LYS C 138 11.29 -26.22 11.34
C LYS C 138 10.21 -25.77 10.35
N THR C 144 3.79 -29.20 5.46
CA THR C 144 4.10 -28.66 4.13
C THR C 144 5.24 -27.62 4.15
N ALA C 145 6.18 -27.79 3.23
CA ALA C 145 7.42 -27.04 3.26
C ALA C 145 7.59 -26.33 1.92
N ALA C 146 8.33 -25.22 1.95
CA ALA C 146 8.60 -24.45 0.75
C ALA C 146 10.10 -24.30 0.55
N LEU C 147 10.53 -24.31 -0.70
CA LEU C 147 11.93 -24.14 -1.05
C LEU C 147 11.98 -23.57 -2.46
N GLY C 148 13.14 -23.06 -2.85
CA GLY C 148 13.19 -22.43 -4.15
C GLY C 148 14.59 -22.02 -4.55
N CYS C 149 14.65 -21.28 -5.64
CA CYS C 149 15.87 -20.67 -6.15
C CYS C 149 15.62 -19.20 -6.41
N LEU C 150 16.59 -18.36 -6.03
CA LEU C 150 16.61 -16.95 -6.38
C LEU C 150 17.52 -16.76 -7.60
N VAL C 151 16.97 -16.20 -8.68
CA VAL C 151 17.67 -16.05 -9.95
C VAL C 151 17.95 -14.57 -10.13
N LYS C 152 19.14 -14.13 -9.78
CA LYS C 152 19.40 -12.70 -9.57
C LYS C 152 20.33 -12.12 -10.62
N ASP C 153 20.09 -10.85 -10.96
CA ASP C 153 21.05 -10.01 -11.68
C ASP C 153 21.38 -10.55 -13.06
N TYR C 154 20.36 -10.74 -13.89
CA TYR C 154 20.59 -11.08 -15.28
C TYR C 154 19.99 -10.02 -16.18
N PHE C 155 20.43 -10.08 -17.45
CA PHE C 155 20.00 -9.17 -18.51
C PHE C 155 20.37 -9.75 -19.87
N PRO C 156 19.42 -9.77 -20.83
CA PRO C 156 18.07 -9.27 -20.56
C PRO C 156 17.10 -10.41 -20.29
N GLU C 157 15.80 -10.11 -20.31
CA GLU C 157 14.81 -11.15 -20.26
C GLU C 157 14.86 -11.96 -21.55
N PRO C 158 14.47 -13.25 -21.52
CA PRO C 158 13.87 -13.96 -20.38
C PRO C 158 14.84 -14.98 -19.80
N VAL C 159 14.42 -15.61 -18.71
CA VAL C 159 15.10 -16.81 -18.25
C VAL C 159 14.07 -17.91 -18.15
N THR C 160 14.55 -19.14 -18.23
CA THR C 160 13.72 -20.33 -18.06
C THR C 160 14.11 -21.03 -16.76
N VAL C 161 13.12 -21.53 -16.03
CA VAL C 161 13.35 -22.33 -14.84
C VAL C 161 12.48 -23.58 -14.91
N SER C 162 13.07 -24.73 -14.62
CA SER C 162 12.31 -25.94 -14.37
C SER C 162 12.86 -26.56 -13.10
N TRP C 163 12.17 -27.57 -12.57
CA TRP C 163 12.61 -28.28 -11.39
C TRP C 163 12.78 -29.76 -11.73
N ASN C 164 13.89 -30.33 -11.27
CA ASN C 164 14.23 -31.74 -11.51
C ASN C 164 14.07 -32.10 -12.98
N SER C 165 14.67 -31.27 -13.84
CA SER C 165 14.72 -31.46 -15.29
C SER C 165 13.35 -31.48 -15.96
N GLY C 166 12.30 -31.03 -15.28
CA GLY C 166 10.96 -31.02 -15.82
C GLY C 166 10.01 -31.99 -15.15
N ALA C 167 10.53 -32.89 -14.32
CA ALA C 167 9.69 -33.93 -13.72
C ALA C 167 8.87 -33.41 -12.57
N LEU C 168 9.38 -32.42 -11.84
CA LEU C 168 8.66 -31.82 -10.74
C LEU C 168 7.90 -30.61 -11.28
N THR C 169 6.57 -30.66 -11.21
CA THR C 169 5.77 -29.56 -11.74
C THR C 169 4.62 -29.15 -10.83
N SER C 170 4.09 -30.05 -10.02
CA SER C 170 2.99 -29.69 -9.15
C SER C 170 3.52 -28.90 -7.96
N GLY C 171 2.83 -27.80 -7.63
CA GLY C 171 3.27 -26.96 -6.54
C GLY C 171 4.41 -26.02 -6.89
N VAL C 172 4.79 -25.92 -8.16
CA VAL C 172 5.83 -24.99 -8.59
C VAL C 172 5.20 -23.65 -8.90
N HIS C 173 5.90 -22.57 -8.56
CA HIS C 173 5.50 -21.22 -8.93
C HIS C 173 6.74 -20.47 -9.33
N THR C 174 6.81 -20.07 -10.59
CA THR C 174 7.90 -19.23 -11.08
C THR C 174 7.33 -17.84 -11.26
N PHE C 175 7.88 -16.88 -10.56
CA PHE C 175 7.34 -15.53 -10.47
C PHE C 175 7.86 -14.63 -11.59
N PRO C 176 7.05 -13.69 -12.04
CA PRO C 176 7.53 -12.67 -12.99
C PRO C 176 8.75 -11.97 -12.45
N ALA C 177 9.72 -11.73 -13.33
CA ALA C 177 10.91 -10.98 -12.96
C ALA C 177 10.56 -9.54 -12.59
N VAL C 178 11.34 -8.98 -11.67
CA VAL C 178 11.34 -7.55 -11.39
C VAL C 178 12.64 -6.96 -11.90
N LEU C 179 12.57 -5.73 -12.40
CA LEU C 179 13.75 -4.98 -12.84
C LEU C 179 14.28 -4.20 -11.65
N GLN C 180 15.51 -4.50 -11.17
CA GLN C 180 16.06 -3.65 -10.14
C GLN C 180 16.52 -2.31 -10.69
N SER C 181 16.84 -1.42 -9.74
CA SER C 181 17.41 -0.12 -10.06
C SER C 181 18.82 -0.23 -10.66
N SER C 182 19.53 -1.34 -10.45
CA SER C 182 20.73 -1.60 -11.21
C SER C 182 20.46 -1.80 -12.70
N GLY C 183 19.20 -1.97 -13.10
CA GLY C 183 18.87 -2.32 -14.47
C GLY C 183 18.98 -3.79 -14.77
N LEU C 184 19.30 -4.61 -13.78
CA LEU C 184 19.36 -6.04 -13.92
C LEU C 184 18.07 -6.66 -13.36
N TYR C 185 17.72 -7.83 -13.88
CA TYR C 185 16.48 -8.48 -13.49
C TYR C 185 16.71 -9.48 -12.36
N SER C 186 15.63 -9.84 -11.66
CA SER C 186 15.71 -10.86 -10.63
C SER C 186 14.35 -11.53 -10.47
N LEU C 187 14.34 -12.85 -10.31
CA LEU C 187 13.07 -13.54 -10.04
C LEU C 187 13.34 -14.69 -9.10
N SER C 188 12.26 -15.15 -8.49
CA SER C 188 12.22 -16.35 -7.65
C SER C 188 11.49 -17.47 -8.37
N SER C 189 11.89 -18.70 -8.10
CA SER C 189 11.06 -19.85 -8.44
C SER C 189 11.00 -20.71 -7.20
N VAL C 190 9.79 -21.19 -6.84
CA VAL C 190 9.56 -21.87 -5.56
C VAL C 190 8.72 -23.13 -5.78
N VAL C 191 8.86 -24.07 -4.85
CA VAL C 191 8.05 -25.28 -4.83
C VAL C 191 7.62 -25.55 -3.39
N THR C 192 6.40 -26.03 -3.22
CA THR C 192 5.96 -26.53 -1.92
C THR C 192 5.79 -28.04 -2.02
N VAL C 193 6.17 -28.73 -0.95
CA VAL C 193 6.31 -30.18 -0.90
C VAL C 193 5.96 -30.62 0.52
N PRO C 194 5.68 -31.91 0.76
CA PRO C 194 5.55 -32.40 2.14
C PRO C 194 6.84 -32.26 2.95
N SER C 195 6.67 -32.01 4.25
CA SER C 195 7.83 -31.87 5.15
C SER C 195 8.60 -33.16 5.28
N SER C 196 7.91 -34.30 5.20
CA SER C 196 8.55 -35.59 5.37
C SER C 196 9.46 -35.96 4.21
N SER C 197 9.46 -35.19 3.12
CA SER C 197 10.28 -35.51 1.96
C SER C 197 11.56 -34.69 1.89
N LEU C 198 11.82 -33.85 2.89
CA LEU C 198 12.97 -32.96 2.82
C LEU C 198 14.29 -33.73 2.95
N GLY C 199 14.30 -34.82 3.71
CA GLY C 199 15.52 -35.61 3.86
C GLY C 199 15.83 -36.62 2.76
N THR C 200 14.81 -37.25 2.21
CA THR C 200 14.98 -38.33 1.25
C THR C 200 15.01 -37.85 -0.19
N GLN C 201 14.24 -36.82 -0.50
CA GLN C 201 13.93 -36.42 -1.86
C GLN C 201 14.74 -35.17 -2.21
N THR C 202 15.39 -35.18 -3.37
CA THR C 202 16.28 -34.08 -3.74
C THR C 202 15.60 -33.15 -4.75
N TYR C 203 16.06 -31.89 -4.76
CA TYR C 203 15.38 -30.81 -5.46
C TYR C 203 16.41 -29.96 -6.18
N ILE C 204 16.28 -29.89 -7.50
CA ILE C 204 17.24 -29.18 -8.34
C ILE C 204 16.45 -28.25 -9.25
N CYS C 205 16.89 -27.00 -9.32
CA CYS C 205 16.27 -26.02 -10.19
C CYS C 205 17.19 -25.80 -11.38
N ASN C 206 16.60 -25.91 -12.58
CA ASN C 206 17.34 -25.79 -13.83
C ASN C 206 17.05 -24.42 -14.42
N VAL C 207 18.08 -23.58 -14.45
CA VAL C 207 17.95 -22.20 -14.91
C VAL C 207 18.69 -22.07 -16.23
N ASN C 208 18.01 -21.49 -17.23
CA ASN C 208 18.53 -21.37 -18.58
C ASN C 208 18.38 -19.93 -19.03
N HIS C 209 19.49 -19.29 -19.37
CA HIS C 209 19.47 -17.91 -19.85
C HIS C 209 20.11 -17.85 -21.24
N LYS C 210 19.27 -17.98 -22.26
CA LYS C 210 19.76 -18.09 -23.63
C LYS C 210 20.61 -16.88 -24.07
N PRO C 211 20.23 -15.63 -23.81
CA PRO C 211 21.06 -14.51 -24.30
C PRO C 211 22.51 -14.56 -23.83
N SER C 212 22.79 -15.09 -22.66
CA SER C 212 24.16 -15.23 -22.20
C SER C 212 24.69 -16.65 -22.38
N ASN C 213 23.88 -17.55 -22.93
CA ASN C 213 24.16 -18.98 -23.00
C ASN C 213 24.57 -19.57 -21.65
N THR C 214 23.78 -19.24 -20.63
CA THR C 214 24.00 -19.75 -19.29
C THR C 214 23.04 -20.90 -19.01
N LYS C 215 23.54 -21.94 -18.36
CA LYS C 215 22.71 -22.97 -17.73
C LYS C 215 23.32 -23.30 -16.37
N VAL C 216 22.46 -23.33 -15.35
CA VAL C 216 22.91 -23.64 -14.00
C VAL C 216 21.91 -24.60 -13.39
N ASP C 217 22.41 -25.53 -12.59
CA ASP C 217 21.59 -26.40 -11.78
C ASP C 217 22.05 -26.27 -10.33
N LYS C 218 21.07 -26.03 -9.46
CA LYS C 218 21.39 -25.89 -8.03
C LYS C 218 20.56 -26.82 -7.16
N ARG C 219 21.18 -27.84 -6.58
CA ARG C 219 20.48 -28.54 -5.51
C ARG C 219 20.16 -27.58 -4.37
N VAL C 220 18.96 -27.72 -3.81
CA VAL C 220 18.54 -26.88 -2.69
C VAL C 220 18.56 -27.76 -1.43
N GLU C 221 19.52 -27.46 -0.52
CA GLU C 221 19.76 -28.21 0.73
C GLU C 221 18.88 -27.65 1.84
N PRO C 222 18.36 -28.56 2.69
CA PRO C 222 17.68 -28.15 3.89
C PRO C 222 18.95 -27.87 4.69
N GLU D 1 -5.85 13.11 -24.04
CA GLU D 1 -6.66 14.25 -23.54
C GLU D 1 -8.04 13.74 -23.12
N ILE D 2 -8.74 13.02 -23.99
CA ILE D 2 -10.00 12.38 -23.52
C ILE D 2 -9.60 11.24 -22.58
N VAL D 3 -9.97 11.32 -21.32
CA VAL D 3 -9.65 10.31 -20.31
C VAL D 3 -10.83 9.35 -20.18
N LEU D 4 -10.54 8.06 -20.22
CA LEU D 4 -11.52 7.00 -20.05
C LEU D 4 -11.36 6.39 -18.66
N THR D 5 -12.41 6.47 -17.85
CA THR D 5 -12.42 5.88 -16.51
C THR D 5 -13.14 4.55 -16.63
N GLN D 6 -12.36 3.49 -16.55
CA GLN D 6 -12.91 2.12 -16.69
C GLN D 6 -13.04 1.52 -15.30
N SER D 7 -14.23 1.07 -14.96
CA SER D 7 -14.51 0.48 -13.64
C SER D 7 -15.21 -0.86 -13.89
N PRO D 8 -15.03 -1.90 -13.04
CA PRO D 8 -13.94 -1.96 -12.08
C PRO D 8 -12.54 -2.33 -12.61
N SER D 9 -11.49 -2.07 -11.83
CA SER D 9 -10.11 -2.45 -12.22
C SER D 9 -10.00 -3.97 -12.29
N SER D 10 -10.71 -4.67 -11.42
CA SER D 10 -10.70 -6.12 -11.43
C SER D 10 -12.01 -6.61 -10.85
N LEU D 11 -12.40 -7.84 -11.22
CA LEU D 11 -13.58 -8.45 -10.63
C LEU D 11 -13.46 -9.95 -10.81
N SER D 12 -14.16 -10.67 -9.94
CA SER D 12 -14.19 -12.13 -9.92
C SER D 12 -15.58 -12.59 -10.30
N ALA D 13 -15.67 -13.72 -10.96
CA ALA D 13 -16.96 -14.17 -11.45
C ALA D 13 -16.90 -15.68 -11.68
N SER D 14 -18.08 -16.28 -11.68
CA SER D 14 -18.27 -17.68 -11.97
C SER D 14 -18.86 -17.85 -13.37
N VAL D 15 -18.67 -19.04 -13.92
CA VAL D 15 -19.32 -19.36 -15.19
C VAL D 15 -20.82 -19.20 -15.03
N GLN D 16 -21.46 -18.64 -16.05
CA GLN D 16 -22.88 -18.30 -16.18
C GLN D 16 -23.25 -16.95 -15.54
N ASP D 17 -22.36 -16.29 -14.81
CA ASP D 17 -22.64 -14.97 -14.25
C ASP D 17 -22.84 -13.94 -15.36
N ARG D 18 -23.53 -12.84 -15.00
CA ARG D 18 -23.62 -11.68 -15.86
C ARG D 18 -22.61 -10.65 -15.38
N VAL D 19 -21.67 -10.28 -16.25
CA VAL D 19 -20.57 -9.39 -15.89
C VAL D 19 -20.80 -8.07 -16.60
N THR D 20 -20.70 -6.98 -15.83
CA THR D 20 -20.93 -5.63 -16.32
C THR D 20 -19.67 -4.79 -16.12
N ILE D 21 -19.16 -4.20 -17.19
CA ILE D 21 -17.98 -3.34 -17.11
C ILE D 21 -18.34 -1.95 -17.62
N THR D 22 -17.90 -0.93 -16.90
CA THR D 22 -18.26 0.44 -17.21
C THR D 22 -17.02 1.21 -17.70
N CYS D 23 -17.26 2.07 -18.69
CA CYS D 23 -16.27 3.01 -19.19
C CYS D 23 -16.94 4.37 -19.29
N ARG D 24 -16.36 5.39 -18.64
CA ARG D 24 -16.84 6.76 -18.70
C ARG D 24 -15.79 7.70 -19.30
N ALA D 25 -16.18 8.46 -20.33
CA ALA D 25 -15.30 9.46 -20.95
C ALA D 25 -15.46 10.84 -20.30
N SER D 26 -14.34 11.58 -20.22
CA SER D 26 -14.33 12.90 -19.62
C SER D 26 -14.96 13.98 -20.51
N GLN D 27 -15.27 13.65 -21.75
CA GLN D 27 -16.14 14.48 -22.59
C GLN D 27 -16.86 13.57 -23.57
N VAL D 28 -17.89 14.13 -24.22
CA VAL D 28 -18.74 13.35 -25.11
C VAL D 28 -17.95 12.81 -26.31
N ILE D 29 -18.25 11.58 -26.71
CA ILE D 29 -17.52 10.91 -27.81
C ILE D 29 -18.57 10.26 -28.70
N SER D 30 -19.81 10.68 -28.56
CA SER D 30 -20.91 10.05 -29.31
C SER D 30 -20.89 8.55 -29.09
N ASN D 31 -20.81 7.77 -30.15
CA ASN D 31 -20.72 6.31 -29.91
C ASN D 31 -19.36 5.75 -30.34
N TYR D 32 -18.35 6.59 -30.50
CA TYR D 32 -17.12 5.98 -31.04
C TYR D 32 -16.25 5.40 -29.92
N LEU D 33 -16.73 4.27 -29.39
CA LEU D 33 -16.01 3.51 -28.38
C LEU D 33 -15.89 2.08 -28.82
N ALA D 34 -14.73 1.48 -28.56
CA ALA D 34 -14.53 0.06 -28.84
C ALA D 34 -14.14 -0.66 -27.55
N TRP D 35 -14.28 -1.98 -27.59
CA TRP D 35 -13.97 -2.89 -26.49
C TRP D 35 -13.07 -3.99 -27.02
N PHE D 36 -12.00 -4.27 -26.30
CA PHE D 36 -11.06 -5.31 -26.69
C PHE D 36 -10.96 -6.38 -25.61
N GLN D 37 -10.65 -7.59 -26.01
CA GLN D 37 -10.29 -8.65 -25.09
C GLN D 37 -8.81 -8.94 -25.25
N GLN D 38 -8.12 -9.25 -24.15
CA GLN D 38 -6.72 -9.64 -24.27
C GLN D 38 -6.40 -10.75 -23.29
N LYS D 39 -5.77 -11.83 -23.78
CA LYS D 39 -5.31 -12.91 -22.94
C LYS D 39 -3.78 -12.85 -22.80
N PRO D 40 -3.26 -13.33 -21.68
CA PRO D 40 -1.80 -13.29 -21.45
C PRO D 40 -1.01 -13.82 -22.63
N GLY D 41 0.02 -13.08 -23.02
CA GLY D 41 0.89 -13.50 -24.11
C GLY D 41 0.36 -13.26 -25.51
N LYS D 42 -0.82 -12.67 -25.65
CA LYS D 42 -1.49 -12.56 -26.94
C LYS D 42 -1.90 -11.12 -27.19
N ALA D 43 -2.07 -10.80 -28.47
CA ALA D 43 -2.48 -9.47 -28.86
C ALA D 43 -3.96 -9.23 -28.54
N PRO D 44 -4.36 -7.98 -28.38
CA PRO D 44 -5.78 -7.66 -28.21
C PRO D 44 -6.62 -8.07 -29.42
N LYS D 45 -7.83 -8.51 -29.14
CA LYS D 45 -8.82 -8.90 -30.14
C LYS D 45 -10.00 -7.96 -30.00
N LEU D 46 -10.48 -7.43 -31.13
CA LEU D 46 -11.59 -6.50 -31.14
C LEU D 46 -12.89 -7.24 -30.88
N LEU D 47 -13.70 -6.73 -29.97
CA LEU D 47 -15.00 -7.31 -29.64
C LEU D 47 -16.14 -6.50 -30.24
N ILE D 48 -16.10 -5.18 -30.07
CA ILE D 48 -17.22 -4.30 -30.35
C ILE D 48 -16.67 -2.97 -30.79
N TYR D 49 -17.34 -2.39 -31.78
CA TYR D 49 -16.97 -1.05 -32.26
C TYR D 49 -18.24 -0.20 -32.30
N ALA D 50 -18.09 1.11 -32.34
CA ALA D 50 -19.23 2.05 -32.37
C ALA D 50 -20.16 1.77 -31.19
N ALA D 51 -19.56 1.33 -30.07
CA ALA D 51 -20.29 1.10 -28.81
C ALA D 51 -21.19 -0.15 -28.81
N SER D 52 -21.84 -0.49 -29.91
CA SER D 52 -22.82 -1.61 -29.86
C SER D 52 -22.64 -2.60 -31.00
N ASN D 53 -21.79 -2.32 -31.98
CA ASN D 53 -21.72 -3.25 -33.11
C ASN D 53 -20.82 -4.41 -32.73
N LEU D 54 -21.38 -5.61 -32.74
CA LEU D 54 -20.58 -6.79 -32.47
C LEU D 54 -19.74 -7.13 -33.68
N GLN D 55 -18.45 -7.34 -33.44
CA GLN D 55 -17.55 -7.81 -34.49
C GLN D 55 -17.92 -9.24 -34.89
N SER D 56 -17.80 -9.52 -36.19
CA SER D 56 -18.19 -10.81 -36.71
C SER D 56 -17.37 -11.91 -36.06
N GLY D 57 -18.01 -13.01 -35.71
CA GLY D 57 -17.34 -14.11 -35.04
C GLY D 57 -17.31 -14.01 -33.53
N VAL D 58 -17.77 -12.90 -32.96
CA VAL D 58 -17.80 -12.73 -31.51
C VAL D 58 -19.16 -13.23 -31.01
N PRO D 59 -19.22 -14.02 -29.95
CA PRO D 59 -20.51 -14.52 -29.46
C PRO D 59 -21.44 -13.41 -29.00
N SER D 60 -22.74 -13.63 -29.17
CA SER D 60 -23.75 -12.62 -28.89
C SER D 60 -23.92 -12.34 -27.42
N ARG D 61 -23.31 -13.15 -26.54
CA ARG D 61 -23.34 -12.85 -25.12
C ARG D 61 -22.54 -11.61 -24.76
N PHE D 62 -21.75 -11.06 -25.70
CA PHE D 62 -21.10 -9.78 -25.52
C PHE D 62 -22.01 -8.67 -26.05
N ARG D 63 -22.40 -7.73 -25.17
CA ARG D 63 -23.19 -6.55 -25.51
C ARG D 63 -22.50 -5.27 -25.05
N GLY D 64 -22.40 -4.32 -25.97
CA GLY D 64 -21.97 -2.96 -25.64
C GLY D 64 -23.14 -2.01 -25.69
N SER D 65 -23.11 -1.00 -24.83
CA SER D 65 -24.19 -0.02 -24.74
C SER D 65 -23.62 1.33 -24.40
N GLY D 66 -24.42 2.36 -24.61
CA GLY D 66 -24.08 3.69 -24.19
C GLY D 66 -23.80 4.60 -25.37
N SER D 67 -23.78 5.90 -25.07
CA SER D 67 -23.53 6.94 -26.06
C SER D 67 -23.34 8.23 -25.30
N GLY D 68 -22.53 9.11 -25.86
CA GLY D 68 -22.20 10.31 -25.12
C GLY D 68 -21.01 10.08 -24.21
N THR D 69 -21.25 9.66 -22.98
CA THR D 69 -20.14 9.72 -22.06
C THR D 69 -20.06 8.41 -21.24
N ASP D 70 -21.19 7.75 -21.06
CA ASP D 70 -21.28 6.57 -20.20
C ASP D 70 -21.53 5.33 -21.05
N PHE D 71 -20.65 4.34 -20.93
CA PHE D 71 -20.72 3.13 -21.74
C PHE D 71 -20.58 1.91 -20.85
N THR D 72 -20.97 0.76 -21.40
CA THR D 72 -21.03 -0.45 -20.60
C THR D 72 -20.78 -1.63 -21.52
N LEU D 73 -20.01 -2.60 -21.04
CA LEU D 73 -19.87 -3.89 -21.69
C LEU D 73 -20.46 -4.96 -20.78
N THR D 74 -21.44 -5.69 -21.28
CA THR D 74 -22.11 -6.72 -20.51
C THR D 74 -21.82 -8.06 -21.13
N ILE D 75 -21.33 -8.99 -20.33
CA ILE D 75 -21.14 -10.37 -20.77
C ILE D 75 -22.21 -11.18 -20.06
N SER D 76 -23.17 -11.68 -20.83
CA SER D 76 -24.46 -12.08 -20.25
C SER D 76 -24.46 -13.46 -19.64
N SER D 77 -23.53 -14.33 -20.03
CA SER D 77 -23.49 -15.67 -19.44
C SER D 77 -22.06 -16.17 -19.53
N LEU D 78 -21.26 -15.78 -18.56
CA LEU D 78 -19.81 -15.90 -18.65
C LEU D 78 -19.37 -17.34 -18.92
N GLN D 79 -18.50 -17.51 -19.91
CA GLN D 79 -17.99 -18.83 -20.29
C GLN D 79 -16.51 -18.98 -19.91
N PRO D 80 -16.02 -20.19 -19.72
CA PRO D 80 -14.60 -20.36 -19.32
C PRO D 80 -13.59 -19.58 -20.17
N GLU D 81 -13.80 -19.49 -21.48
CA GLU D 81 -12.89 -18.74 -22.34
C GLU D 81 -13.00 -17.22 -22.19
N ASP D 82 -13.93 -16.70 -21.38
CA ASP D 82 -14.09 -15.26 -21.23
C ASP D 82 -13.23 -14.66 -20.12
N PHE D 83 -12.57 -15.47 -19.32
CA PHE D 83 -11.69 -14.97 -18.29
C PHE D 83 -10.46 -14.39 -18.95
N ALA D 84 -10.29 -13.08 -18.83
CA ALA D 84 -9.36 -12.30 -19.63
C ALA D 84 -9.34 -10.88 -19.09
N THR D 85 -8.59 -10.00 -19.74
CA THR D 85 -8.63 -8.57 -19.45
C THR D 85 -9.37 -7.87 -20.60
N TYR D 86 -10.14 -6.82 -20.26
CA TYR D 86 -10.94 -6.05 -21.20
C TYR D 86 -10.55 -4.58 -21.13
N TYR D 87 -10.49 -3.93 -22.29
CA TYR D 87 -10.13 -2.52 -22.40
C TYR D 87 -11.17 -1.83 -23.27
N CYS D 88 -11.51 -0.59 -22.89
CA CYS D 88 -12.26 0.28 -23.78
C CYS D 88 -11.30 1.23 -24.48
N GLN D 89 -11.77 1.83 -25.55
CA GLN D 89 -10.90 2.71 -26.31
C GLN D 89 -11.79 3.67 -27.09
N GLN D 90 -11.45 4.95 -27.06
CA GLN D 90 -12.12 5.91 -27.93
C GLN D 90 -11.19 6.17 -29.10
N TYR D 91 -11.66 5.89 -30.32
CA TYR D 91 -10.80 5.88 -31.49
C TYR D 91 -11.07 7.03 -32.48
N ASN D 92 -11.92 8.02 -32.12
CA ASN D 92 -12.23 9.14 -33.01
C ASN D 92 -11.86 10.55 -32.59
N ILE D 93 -11.29 10.74 -31.40
CA ILE D 93 -10.81 12.10 -31.04
C ILE D 93 -9.35 12.00 -30.60
N TYR D 94 -8.43 12.41 -31.47
CA TYR D 94 -6.99 12.39 -31.15
C TYR D 94 -6.74 13.47 -30.09
N PRO D 95 -5.83 13.31 -29.11
CA PRO D 95 -5.07 12.08 -28.88
C PRO D 95 -5.90 10.85 -28.46
N LEU D 96 -5.75 9.75 -29.18
CA LEU D 96 -6.53 8.48 -28.97
C LEU D 96 -6.21 7.90 -27.61
N THR D 97 -7.17 7.20 -27.02
CA THR D 97 -6.94 6.78 -25.64
C THR D 97 -7.63 5.48 -25.25
N PHE D 98 -7.02 4.72 -24.34
CA PHE D 98 -7.57 3.50 -23.77
C PHE D 98 -7.98 3.70 -22.31
N GLY D 99 -8.97 2.93 -21.87
CA GLY D 99 -9.24 2.77 -20.46
C GLY D 99 -8.15 2.00 -19.76
N GLY D 100 -8.20 2.03 -18.43
CA GLY D 100 -7.20 1.37 -17.61
C GLY D 100 -7.29 -0.14 -17.57
N GLY D 101 -8.33 -0.74 -18.14
CA GLY D 101 -8.38 -2.19 -18.16
C GLY D 101 -9.20 -2.75 -17.01
N THR D 102 -9.79 -3.92 -17.23
CA THR D 102 -10.51 -4.69 -16.21
C THR D 102 -10.06 -6.14 -16.30
N LYS D 103 -9.52 -6.68 -15.22
CA LYS D 103 -9.20 -8.10 -15.19
C LYS D 103 -10.39 -8.87 -14.61
N VAL D 104 -10.88 -9.86 -15.36
CA VAL D 104 -11.96 -10.74 -14.92
C VAL D 104 -11.32 -12.07 -14.57
N ASP D 105 -11.28 -12.37 -13.28
CA ASP D 105 -10.72 -13.66 -12.82
C ASP D 105 -11.81 -14.61 -12.36
N ILE D 106 -11.40 -15.80 -11.96
CA ILE D 106 -12.35 -16.82 -11.54
C ILE D 106 -12.59 -16.71 -10.05
N LYS D 107 -13.86 -16.61 -9.67
CA LYS D 107 -14.21 -16.60 -8.26
C LYS D 107 -14.05 -17.98 -7.65
N ARG D 108 -13.57 -18.02 -6.42
CA ARG D 108 -13.53 -19.24 -5.63
C ARG D 108 -13.69 -18.84 -4.16
N THR D 109 -13.69 -19.82 -3.27
CA THR D 109 -13.77 -19.45 -1.87
C THR D 109 -12.48 -18.77 -1.41
N VAL D 110 -12.60 -18.00 -0.34
CA VAL D 110 -11.45 -17.33 0.25
C VAL D 110 -10.45 -18.36 0.76
N ALA D 111 -9.15 -18.09 0.55
CA ALA D 111 -8.12 -19.00 1.04
C ALA D 111 -6.93 -18.21 1.54
N ALA D 112 -6.48 -18.49 2.77
CA ALA D 112 -5.37 -17.77 3.36
C ALA D 112 -4.04 -18.19 2.73
N PRO D 113 -3.05 -17.29 2.65
CA PRO D 113 -1.75 -17.72 2.17
C PRO D 113 -1.04 -18.52 3.24
N SER D 114 -0.34 -19.56 2.82
CA SER D 114 0.71 -20.07 3.70
C SER D 114 1.96 -19.22 3.46
N VAL D 115 2.63 -18.80 4.55
CA VAL D 115 3.69 -17.81 4.49
C VAL D 115 5.03 -18.45 4.86
N PHE D 116 6.09 -18.06 4.15
CA PHE D 116 7.44 -18.55 4.40
C PHE D 116 8.45 -17.42 4.24
N ILE D 117 9.48 -17.39 5.09
CA ILE D 117 10.55 -16.41 4.95
C ILE D 117 11.86 -17.14 4.73
N PHE D 118 12.70 -16.58 3.86
CA PHE D 118 13.96 -17.18 3.48
C PHE D 118 15.10 -16.20 3.75
N PRO D 119 16.06 -16.54 4.60
CA PRO D 119 17.25 -15.68 4.76
C PRO D 119 18.10 -15.69 3.51
N PRO D 120 18.98 -14.69 3.31
CA PRO D 120 19.98 -14.81 2.24
C PRO D 120 20.85 -16.03 2.46
N SER D 121 21.28 -16.64 1.36
CA SER D 121 22.22 -17.74 1.45
C SER D 121 23.61 -17.20 1.77
N ASP D 122 24.38 -17.97 2.53
CA ASP D 122 25.76 -17.55 2.75
C ASP D 122 26.47 -17.35 1.42
N GLU D 123 26.07 -18.12 0.42
CA GLU D 123 26.69 -18.04 -0.90
C GLU D 123 26.46 -16.67 -1.52
N GLN D 124 25.25 -16.10 -1.36
CA GLN D 124 25.02 -14.73 -1.83
C GLN D 124 25.75 -13.72 -0.96
N LEU D 125 25.81 -13.96 0.35
CA LEU D 125 26.38 -12.96 1.25
C LEU D 125 27.80 -12.60 0.85
N LYS D 126 28.59 -13.58 0.45
CA LYS D 126 29.95 -13.26 0.06
C LYS D 126 30.04 -12.40 -1.20
N SER D 127 29.00 -12.42 -2.03
CA SER D 127 28.99 -11.54 -3.19
C SER D 127 28.85 -10.07 -2.81
N GLY D 128 28.40 -9.75 -1.61
CA GLY D 128 28.18 -8.37 -1.20
C GLY D 128 26.75 -7.91 -1.19
N THR D 129 25.77 -8.82 -1.31
CA THR D 129 24.38 -8.42 -1.32
C THR D 129 23.57 -9.43 -0.50
N ALA D 130 22.48 -8.94 0.09
CA ALA D 130 21.57 -9.75 0.87
C ALA D 130 20.17 -9.56 0.30
N SER D 131 19.54 -10.65 -0.09
CA SER D 131 18.16 -10.68 -0.52
C SER D 131 17.38 -11.53 0.46
N VAL D 132 16.36 -10.95 1.09
CA VAL D 132 15.46 -11.70 1.96
C VAL D 132 14.14 -11.86 1.23
N VAL D 133 13.57 -13.06 1.24
CA VAL D 133 12.40 -13.35 0.44
C VAL D 133 11.25 -13.79 1.34
N CYS D 134 10.07 -13.26 1.07
CA CYS D 134 8.85 -13.64 1.78
C CYS D 134 7.90 -14.19 0.73
N LEU D 135 7.43 -15.42 0.94
CA LEU D 135 6.54 -16.09 0.01
C LEU D 135 5.13 -16.22 0.60
N LEU D 136 4.12 -15.85 -0.19
CA LEU D 136 2.71 -16.05 0.14
C LEU D 136 2.16 -17.05 -0.86
N ASN D 137 1.91 -18.28 -0.43
CA ASN D 137 1.56 -19.35 -1.35
C ASN D 137 0.05 -19.60 -1.37
N ASN D 138 -0.52 -19.62 -2.58
CA ASN D 138 -1.85 -20.20 -2.88
C ASN D 138 -2.96 -19.55 -2.07
N PHE D 139 -3.19 -18.27 -2.31
CA PHE D 139 -4.22 -17.56 -1.57
C PHE D 139 -5.26 -17.02 -2.55
N TYR D 140 -6.42 -16.63 -2.00
CA TYR D 140 -7.47 -16.01 -2.79
C TYR D 140 -8.37 -15.19 -1.86
N PRO D 141 -8.76 -13.97 -2.25
CA PRO D 141 -8.49 -13.31 -3.52
C PRO D 141 -7.09 -12.68 -3.58
N ARG D 142 -6.82 -11.97 -4.67
CA ARG D 142 -5.46 -11.45 -4.94
C ARG D 142 -5.03 -10.39 -3.95
N GLU D 143 -5.97 -9.60 -3.46
CA GLU D 143 -5.55 -8.48 -2.61
C GLU D 143 -4.80 -9.00 -1.39
N ALA D 144 -3.59 -8.47 -1.18
CA ALA D 144 -2.78 -8.89 -0.05
C ALA D 144 -1.72 -7.83 0.20
N LYS D 145 -1.24 -7.77 1.44
CA LYS D 145 -0.27 -6.76 1.85
C LYS D 145 0.89 -7.43 2.58
N VAL D 146 2.12 -7.10 2.18
CA VAL D 146 3.33 -7.58 2.84
C VAL D 146 4.10 -6.39 3.34
N GLN D 147 4.53 -6.44 4.60
CA GLN D 147 5.36 -5.39 5.17
C GLN D 147 6.60 -6.02 5.77
N TRP D 148 7.74 -5.40 5.54
CA TRP D 148 8.99 -5.83 6.13
C TRP D 148 9.39 -4.96 7.32
N LYS D 149 9.87 -5.61 8.39
CA LYS D 149 10.43 -4.91 9.54
C LYS D 149 11.82 -5.47 9.83
N VAL D 150 12.76 -4.58 10.12
CA VAL D 150 14.13 -4.96 10.42
C VAL D 150 14.47 -4.38 11.79
N ASP D 151 14.69 -5.24 12.78
CA ASP D 151 14.76 -4.83 14.18
C ASP D 151 13.54 -3.98 14.57
N ASN D 152 12.37 -4.42 14.11
CA ASN D 152 11.06 -3.83 14.37
C ASN D 152 10.83 -2.53 13.63
N ALA D 153 11.80 -2.04 12.86
CA ALA D 153 11.65 -0.81 12.10
C ALA D 153 11.01 -1.13 10.75
N LEU D 154 9.88 -0.49 10.48
CA LEU D 154 9.15 -0.73 9.24
C LEU D 154 9.94 -0.26 8.05
N GLN D 155 10.07 -1.13 7.04
CA GLN D 155 10.85 -0.81 5.87
C GLN D 155 9.99 -0.17 4.79
N SER D 156 10.63 0.67 3.98
CA SER D 156 9.90 1.39 2.94
C SER D 156 10.84 1.62 1.78
N GLY D 157 10.38 1.29 0.57
CA GLY D 157 11.10 1.59 -0.65
C GLY D 157 12.26 0.69 -1.01
N ASN D 158 12.53 -0.37 -0.24
CA ASN D 158 13.65 -1.26 -0.54
C ASN D 158 13.19 -2.70 -0.78
N SER D 159 11.94 -2.87 -1.22
CA SER D 159 11.41 -4.19 -1.52
C SER D 159 10.66 -4.15 -2.83
N GLN D 160 10.59 -5.31 -3.51
CA GLN D 160 9.81 -5.48 -4.73
C GLN D 160 9.04 -6.79 -4.67
N GLU D 161 7.83 -6.79 -5.22
CA GLU D 161 6.93 -7.94 -5.23
C GLU D 161 6.58 -8.34 -6.65
N SER D 162 6.23 -9.61 -6.84
CA SER D 162 5.45 -9.99 -8.02
C SER D 162 4.51 -11.13 -7.66
N VAL D 163 3.53 -11.35 -8.54
CA VAL D 163 2.41 -12.24 -8.30
C VAL D 163 2.24 -13.13 -9.53
N THR D 164 1.93 -14.41 -9.33
CA THR D 164 1.61 -15.31 -10.44
C THR D 164 0.22 -14.99 -11.02
N GLU D 165 -0.04 -15.49 -12.22
CA GLU D 165 -1.39 -15.57 -12.78
C GLU D 165 -2.20 -16.59 -11.98
N GLN D 166 -3.52 -16.46 -12.09
CA GLN D 166 -4.41 -17.38 -11.37
C GLN D 166 -4.09 -18.82 -11.73
N ASP D 167 -3.96 -19.66 -10.72
CA ASP D 167 -3.55 -21.04 -10.94
C ASP D 167 -4.62 -21.83 -11.71
N SER D 168 -4.18 -22.56 -12.74
CA SER D 168 -5.10 -23.29 -13.60
C SER D 168 -5.96 -24.30 -12.83
N LYS D 169 -5.42 -24.89 -11.76
CA LYS D 169 -6.07 -25.97 -11.05
C LYS D 169 -6.86 -25.53 -9.80
N ASP D 170 -6.28 -24.74 -8.91
CA ASP D 170 -7.04 -24.34 -7.73
C ASP D 170 -7.45 -22.87 -7.73
N SER D 171 -7.17 -22.14 -8.81
CA SER D 171 -7.61 -20.74 -8.97
C SER D 171 -7.06 -19.81 -7.88
N THR D 172 -5.91 -20.12 -7.30
CA THR D 172 -5.29 -19.20 -6.36
C THR D 172 -4.14 -18.44 -7.02
N TYR D 173 -3.58 -17.52 -6.25
CA TYR D 173 -2.44 -16.69 -6.58
C TYR D 173 -1.32 -16.99 -5.59
N SER D 174 -0.09 -16.66 -5.98
CA SER D 174 1.02 -16.69 -5.05
C SER D 174 1.81 -15.39 -5.18
N LEU D 175 2.52 -15.00 -4.12
CA LEU D 175 3.21 -13.71 -4.11
C LEU D 175 4.61 -13.88 -3.55
N SER D 176 5.59 -13.30 -4.25
CA SER D 176 6.98 -13.25 -3.78
C SER D 176 7.36 -11.80 -3.52
N SER D 177 7.91 -11.52 -2.35
CA SER D 177 8.42 -10.20 -2.00
C SER D 177 9.88 -10.31 -1.60
N THR D 178 10.71 -9.45 -2.17
CA THR D 178 12.15 -9.49 -1.95
C THR D 178 12.61 -8.19 -1.31
N LEU D 179 13.22 -8.30 -0.14
CA LEU D 179 13.89 -7.18 0.53
C LEU D 179 15.37 -7.26 0.21
N THR D 180 15.92 -6.20 -0.39
CA THR D 180 17.30 -6.16 -0.85
C THR D 180 18.09 -5.18 0.00
N LEU D 181 19.18 -5.65 0.59
CA LEU D 181 20.07 -4.79 1.34
C LEU D 181 21.51 -5.06 0.92
N SER D 182 22.38 -4.09 1.17
CA SER D 182 23.79 -4.37 1.02
C SER D 182 24.23 -5.27 2.17
N LYS D 183 25.26 -6.08 1.92
CA LYS D 183 25.79 -6.95 2.96
C LYS D 183 26.09 -6.16 4.23
N ALA D 184 26.63 -4.95 4.09
CA ALA D 184 26.93 -4.14 5.26
C ALA D 184 25.67 -3.83 6.06
N ASP D 185 24.63 -3.33 5.39
CA ASP D 185 23.37 -3.01 6.09
C ASP D 185 22.74 -4.26 6.70
N TYR D 186 22.75 -5.38 5.97
CA TYR D 186 22.18 -6.61 6.50
C TYR D 186 22.83 -7.00 7.83
N GLU D 187 24.14 -6.76 7.95
CA GLU D 187 24.89 -7.14 9.15
C GLU D 187 24.79 -6.13 10.28
N LYS D 188 24.23 -4.95 10.06
CA LYS D 188 23.99 -4.03 11.17
C LYS D 188 22.81 -4.44 12.05
N HIS D 189 22.01 -5.42 11.62
CA HIS D 189 20.74 -5.69 12.26
C HIS D 189 20.58 -7.17 12.49
N LYS D 190 19.73 -7.52 13.44
CA LYS D 190 19.59 -8.91 13.81
C LYS D 190 18.31 -9.58 13.34
N VAL D 191 17.15 -8.93 13.43
CA VAL D 191 15.86 -9.61 13.27
C VAL D 191 15.18 -9.16 11.99
N TYR D 192 14.74 -10.12 11.17
CA TYR D 192 14.10 -9.85 9.90
C TYR D 192 12.74 -10.51 9.88
N ALA D 193 11.71 -9.74 9.55
CA ALA D 193 10.34 -10.22 9.67
C ALA D 193 9.54 -9.69 8.48
N CYS D 194 8.69 -10.52 7.91
CA CYS D 194 7.65 -10.01 7.04
C CYS D 194 6.34 -10.26 7.72
N GLU D 195 5.45 -9.28 7.65
CA GLU D 195 4.12 -9.36 8.22
C GLU D 195 3.14 -9.35 7.05
N VAL D 196 2.21 -10.31 7.06
CA VAL D 196 1.34 -10.51 5.92
C VAL D 196 -0.08 -10.28 6.38
N THR D 197 -0.80 -9.50 5.60
CA THR D 197 -2.22 -9.20 5.89
C THR D 197 -3.07 -9.69 4.71
N HIS D 198 -4.13 -10.44 4.99
CA HIS D 198 -4.96 -11.00 3.92
C HIS D 198 -6.29 -11.35 4.55
N GLN D 199 -7.37 -11.19 3.78
CA GLN D 199 -8.69 -11.34 4.40
C GLN D 199 -9.02 -12.76 4.82
N GLY D 200 -8.29 -13.75 4.31
CA GLY D 200 -8.47 -15.11 4.80
C GLY D 200 -7.82 -15.37 6.13
N LEU D 201 -7.04 -14.43 6.67
CA LEU D 201 -6.37 -14.57 7.95
C LEU D 201 -7.17 -13.84 9.04
N SER D 202 -7.18 -14.40 10.24
CA SER D 202 -7.92 -13.75 11.32
C SER D 202 -7.15 -12.56 11.88
N SER D 203 -5.84 -12.68 12.01
CA SER D 203 -4.94 -11.60 12.33
C SER D 203 -3.75 -11.65 11.38
N PRO D 204 -3.01 -10.57 11.24
CA PRO D 204 -1.81 -10.62 10.39
C PRO D 204 -0.83 -11.66 10.90
N VAL D 205 -0.08 -12.24 9.98
CA VAL D 205 0.85 -13.32 10.24
C VAL D 205 2.26 -12.78 10.09
N THR D 206 3.12 -13.07 11.05
CA THR D 206 4.51 -12.68 11.00
C THR D 206 5.38 -13.91 10.90
N LYS D 207 6.35 -13.88 9.99
CA LYS D 207 7.40 -14.88 9.91
C LYS D 207 8.72 -14.12 10.01
N SER D 208 9.65 -14.65 10.81
CA SER D 208 10.85 -13.90 11.13
C SER D 208 11.99 -14.86 11.40
N PHE D 209 13.21 -14.33 11.42
CA PHE D 209 14.39 -15.12 11.76
C PHE D 209 15.42 -14.16 12.34
N ASN D 210 16.36 -14.75 13.09
CA ASN D 210 17.52 -14.04 13.62
C ASN D 210 18.68 -14.21 12.65
N ARG D 211 19.31 -13.11 12.28
CA ARG D 211 20.44 -13.24 11.36
C ARG D 211 21.49 -14.14 12.00
N GLY D 212 22.02 -15.07 11.21
CA GLY D 212 23.01 -16.00 11.71
C GLY D 212 22.45 -17.22 12.43
N GLU D 213 21.16 -17.26 12.73
CA GLU D 213 20.59 -18.48 13.31
C GLU D 213 20.57 -19.60 12.26
N CYS D 214 20.36 -20.82 12.73
CA CYS D 214 20.25 -21.95 11.84
C CYS D 214 19.65 -23.16 12.53
N ASN E 1 12.29 -11.84 71.37
CA ASN E 1 12.82 -10.78 70.51
C ASN E 1 12.87 -11.26 69.05
N LEU E 2 12.93 -10.32 68.10
CA LEU E 2 12.86 -10.59 66.66
C LEU E 2 14.21 -10.70 65.96
N CYS E 3 14.30 -11.68 65.05
CA CYS E 3 15.49 -11.95 64.25
C CYS E 3 15.64 -10.89 63.17
N PRO E 4 16.82 -10.31 63.01
CA PRO E 4 17.01 -9.20 62.05
C PRO E 4 17.30 -9.66 60.63
N PHE E 5 16.29 -10.27 60.00
CA PHE E 5 16.47 -10.73 58.63
C PHE E 5 16.47 -9.56 57.64
N GLY E 6 15.77 -8.48 57.97
CA GLY E 6 15.74 -7.33 57.08
C GLY E 6 17.12 -6.78 56.78
N GLU E 7 18.02 -6.76 57.78
CA GLU E 7 19.38 -6.32 57.52
C GLU E 7 20.12 -7.25 56.59
N VAL E 8 19.75 -8.53 56.56
CA VAL E 8 20.44 -9.47 55.68
C VAL E 8 19.96 -9.32 54.23
N PHE E 9 18.66 -9.43 54.01
CA PHE E 9 18.14 -9.43 52.61
C PHE E 9 18.06 -8.02 51.99
N ASN E 10 17.80 -6.98 52.78
CA ASN E 10 17.60 -5.62 52.20
C ASN E 10 18.87 -4.77 52.32
N ALA E 11 20.01 -5.37 52.67
CA ALA E 11 21.26 -4.59 52.88
C ALA E 11 21.71 -3.86 51.62
N THR E 12 21.84 -2.53 51.66
CA THR E 12 22.41 -1.78 50.55
C THR E 12 23.56 -2.52 49.89
N ARG E 13 24.60 -2.79 50.65
CA ARG E 13 25.82 -3.37 50.12
C ARG E 13 25.87 -4.87 50.40
N PHE E 14 26.45 -5.60 49.46
CA PHE E 14 26.82 -6.99 49.67
C PHE E 14 28.33 -7.12 49.54
N ALA E 15 28.87 -8.15 50.18
CA ALA E 15 30.30 -8.38 50.10
C ALA E 15 30.65 -9.15 48.84
N SER E 16 31.90 -8.98 48.38
CA SER E 16 32.42 -9.86 47.35
C SER E 16 32.33 -11.31 47.82
N VAL E 17 32.28 -12.24 46.88
CA VAL E 17 32.07 -13.63 47.23
C VAL E 17 33.25 -14.19 48.04
N TYR E 18 34.45 -13.67 47.81
CA TYR E 18 35.61 -14.16 48.55
C TYR E 18 35.58 -13.71 50.00
N ALA E 19 35.06 -12.51 50.27
CA ALA E 19 34.91 -12.01 51.63
C ALA E 19 33.47 -12.17 52.11
N TRP E 20 32.89 -13.34 51.87
CA TRP E 20 31.45 -13.53 52.06
C TRP E 20 31.03 -13.20 53.50
N ASN E 21 29.96 -12.42 53.61
CA ASN E 21 29.50 -11.94 54.90
C ASN E 21 28.73 -13.04 55.64
N ARG E 22 29.04 -13.20 56.92
CA ARG E 22 28.33 -14.13 57.80
C ARG E 22 27.81 -13.34 58.98
N LYS E 23 26.58 -13.60 59.37
CA LYS E 23 26.02 -13.02 60.59
C LYS E 23 25.30 -14.12 61.34
N ARG E 24 25.57 -14.20 62.64
CA ARG E 24 25.00 -15.22 63.50
C ARG E 24 23.60 -14.79 63.93
N ILE E 25 22.64 -15.68 63.72
CA ILE E 25 21.24 -15.36 64.02
C ILE E 25 20.78 -16.28 65.14
N SER E 26 20.57 -15.68 66.31
CA SER E 26 20.51 -16.41 67.56
C SER E 26 19.61 -15.68 68.54
N ASN E 27 18.89 -16.46 69.35
CA ASN E 27 18.11 -15.95 70.48
C ASN E 27 17.00 -15.00 69.99
N CYS E 28 16.16 -15.49 69.09
CA CYS E 28 15.14 -14.62 68.52
C CYS E 28 14.06 -15.41 67.81
N VAL E 29 12.97 -14.72 67.51
CA VAL E 29 11.84 -15.25 66.77
C VAL E 29 11.88 -14.70 65.34
N ALA E 30 11.75 -15.59 64.37
CA ALA E 30 11.80 -15.24 62.97
C ALA E 30 10.54 -15.72 62.26
N ASP E 31 10.09 -14.92 61.28
CA ASP E 31 8.98 -15.36 60.41
C ASP E 31 9.57 -15.47 59.00
N TYR E 32 9.68 -16.69 58.49
CA TYR E 32 10.29 -16.91 57.15
C TYR E 32 9.18 -16.83 56.11
N SER E 33 7.94 -16.78 56.57
CA SER E 33 6.78 -16.73 55.63
C SER E 33 6.91 -15.45 54.81
N VAL E 34 7.45 -14.40 55.44
CA VAL E 34 7.68 -13.14 54.70
C VAL E 34 8.59 -13.41 53.51
N LEU E 35 9.47 -14.42 53.61
CA LEU E 35 10.34 -14.76 52.45
C LEU E 35 9.53 -15.54 51.41
N TYR E 36 8.74 -16.52 51.83
CA TYR E 36 8.00 -17.37 50.87
C TYR E 36 7.01 -16.49 50.13
N ASN E 37 6.41 -15.55 50.85
CA ASN E 37 5.51 -14.58 50.20
C ASN E 37 6.35 -13.65 49.31
N SER E 38 7.31 -14.19 48.57
CA SER E 38 8.02 -13.30 47.61
C SER E 38 8.22 -14.09 46.32
N ALA E 39 7.63 -13.62 45.23
CA ALA E 39 7.73 -14.31 43.96
C ALA E 39 8.89 -13.80 43.12
N SER E 40 9.82 -13.06 43.71
CA SER E 40 10.89 -12.47 42.93
C SER E 40 12.23 -13.19 43.05
N PHE E 41 12.35 -14.22 43.91
CA PHE E 41 13.60 -14.98 43.97
C PHE E 41 13.79 -15.77 42.68
N SER E 42 15.02 -15.77 42.16
CA SER E 42 15.37 -16.61 41.04
C SER E 42 15.83 -17.99 41.47
N THR E 43 16.13 -18.19 42.74
CA THR E 43 16.54 -19.51 43.23
C THR E 43 16.25 -19.55 44.72
N PHE E 44 15.55 -20.60 45.14
CA PHE E 44 15.11 -20.85 46.52
C PHE E 44 15.14 -22.37 46.68
N LYS E 45 16.33 -22.91 46.92
CA LYS E 45 16.53 -24.35 46.96
C LYS E 45 16.94 -24.77 48.37
N CYS E 46 16.07 -25.51 49.03
CA CYS E 46 16.31 -26.01 50.38
C CYS E 46 16.81 -27.44 50.32
N TYR E 47 17.72 -27.79 51.22
CA TYR E 47 18.30 -29.12 51.29
C TYR E 47 18.04 -29.67 52.69
N GLY E 48 17.23 -30.73 52.75
CA GLY E 48 16.89 -31.36 54.02
C GLY E 48 15.74 -30.72 54.75
N VAL E 49 14.94 -29.90 54.09
CA VAL E 49 13.91 -29.10 54.74
C VAL E 49 12.97 -28.55 53.68
N SER E 50 11.67 -28.64 53.96
CA SER E 50 10.69 -28.14 52.99
C SER E 50 10.37 -26.68 53.30
N PRO E 51 10.39 -25.79 52.31
CA PRO E 51 10.30 -24.35 52.61
C PRO E 51 8.98 -23.93 53.24
N THR E 52 7.85 -24.46 52.76
CA THR E 52 6.56 -23.98 53.25
C THR E 52 6.28 -24.40 54.69
N LYS E 53 6.92 -25.47 55.18
CA LYS E 53 6.70 -25.95 56.54
C LYS E 53 7.77 -25.45 57.51
N LEU E 54 8.50 -24.38 57.16
CA LEU E 54 9.68 -24.04 57.94
C LEU E 54 9.37 -23.18 59.17
N ASN E 55 8.27 -22.43 59.18
CA ASN E 55 7.86 -21.80 60.45
C ASN E 55 7.63 -22.82 61.56
N ASP E 56 7.25 -24.05 61.19
CA ASP E 56 6.87 -25.03 62.21
C ASP E 56 8.05 -25.64 62.94
N LEU E 57 9.28 -25.34 62.54
CA LEU E 57 10.47 -25.90 63.14
C LEU E 57 11.16 -24.90 64.08
N CYS E 58 12.03 -25.44 64.93
CA CYS E 58 12.96 -24.66 65.77
C CYS E 58 14.35 -25.23 65.61
N PHE E 59 15.36 -24.41 65.90
CA PHE E 59 16.75 -24.82 65.74
C PHE E 59 17.62 -24.19 66.81
N THR E 60 18.86 -24.70 66.90
CA THR E 60 19.82 -24.18 67.85
C THR E 60 20.31 -22.79 67.45
N ASN E 61 20.97 -22.70 66.31
CA ASN E 61 21.46 -21.45 65.76
C ASN E 61 21.08 -21.37 64.29
N VAL E 62 21.11 -20.17 63.75
CA VAL E 62 20.87 -19.92 62.33
C VAL E 62 22.00 -19.03 61.84
N TYR E 63 22.65 -19.40 60.74
CA TYR E 63 23.70 -18.54 60.24
C TYR E 63 23.28 -18.15 58.83
N ALA E 64 23.48 -16.88 58.46
CA ALA E 64 23.08 -16.40 57.14
C ALA E 64 24.30 -15.78 56.47
N ASP E 65 24.79 -16.45 55.43
CA ASP E 65 25.89 -15.94 54.64
C ASP E 65 25.35 -15.25 53.39
N SER E 66 26.06 -14.22 52.93
CA SER E 66 25.59 -13.45 51.79
C SER E 66 26.77 -12.88 51.02
N PHE E 67 26.58 -12.75 49.69
CA PHE E 67 27.65 -12.38 48.77
C PHE E 67 27.02 -12.20 47.39
N VAL E 68 27.82 -11.72 46.44
CA VAL E 68 27.40 -11.49 45.06
C VAL E 68 28.28 -12.31 44.12
N ILE E 69 27.63 -13.05 43.21
CA ILE E 69 28.28 -13.86 42.18
C ILE E 69 27.59 -13.59 40.84
N ARG E 70 28.13 -14.18 39.77
CA ARG E 70 27.45 -14.15 38.49
C ARG E 70 26.27 -15.12 38.50
N GLY E 71 25.31 -14.86 37.61
CA GLY E 71 24.10 -15.66 37.57
C GLY E 71 24.34 -17.12 37.22
N ASP E 72 25.29 -17.38 36.30
CA ASP E 72 25.55 -18.77 35.94
C ASP E 72 26.42 -19.49 36.96
N GLU E 73 26.97 -18.77 37.94
CA GLU E 73 27.74 -19.35 39.03
C GLU E 73 26.91 -19.72 40.24
N VAL E 74 25.64 -19.35 40.28
CA VAL E 74 24.76 -19.74 41.43
C VAL E 74 24.68 -21.26 41.47
N ARG E 75 25.04 -21.90 40.38
CA ARG E 75 24.96 -23.38 40.28
C ARG E 75 25.85 -24.01 41.34
N GLN E 76 27.03 -23.43 41.56
CA GLN E 76 28.01 -24.02 42.49
C GLN E 76 27.62 -23.81 43.96
N ILE E 77 26.44 -23.25 44.25
CA ILE E 77 26.08 -22.94 45.64
C ILE E 77 25.08 -24.05 46.04
N ALA E 78 25.62 -25.24 46.20
CA ALA E 78 24.79 -26.44 46.39
C ALA E 78 25.60 -27.50 47.11
N PRO E 79 24.94 -28.50 47.70
CA PRO E 79 25.67 -29.60 48.35
C PRO E 79 26.70 -30.23 47.42
N GLY E 80 27.94 -30.30 47.92
CA GLY E 80 29.00 -31.06 47.27
C GLY E 80 29.38 -30.60 45.88
N GLN E 81 28.75 -29.54 45.40
CA GLN E 81 29.07 -29.02 44.09
C GLN E 81 30.48 -28.43 44.08
N THR E 82 31.04 -28.31 42.88
CA THR E 82 32.36 -27.75 42.70
C THR E 82 32.38 -26.90 41.44
N GLY E 83 33.52 -26.24 41.23
CA GLY E 83 33.73 -25.22 40.24
C GLY E 83 34.52 -24.08 40.86
N LYS E 84 34.58 -22.96 40.15
CA LYS E 84 35.52 -21.90 40.50
C LYS E 84 35.14 -21.18 41.78
N ILE E 85 33.86 -21.11 42.11
CA ILE E 85 33.46 -20.46 43.36
C ILE E 85 33.39 -21.47 44.49
N ALA E 86 32.88 -22.66 44.22
CA ALA E 86 32.78 -23.69 45.24
C ALA E 86 34.12 -24.32 45.59
N ASP E 87 35.16 -24.10 44.78
CA ASP E 87 36.48 -24.57 45.13
C ASP E 87 37.29 -23.51 45.88
N TYR E 88 37.17 -22.25 45.48
CA TYR E 88 38.10 -21.23 45.95
C TYR E 88 37.46 -20.05 46.65
N ASN E 89 36.13 -19.93 46.67
CA ASN E 89 35.49 -18.77 47.27
C ASN E 89 34.49 -19.13 48.35
N TYR E 90 33.63 -20.12 48.11
CA TYR E 90 32.60 -20.46 49.10
C TYR E 90 32.13 -21.87 48.84
N LYS E 91 32.37 -22.76 49.78
CA LYS E 91 32.03 -24.17 49.65
C LYS E 91 30.96 -24.55 50.66
N LEU E 92 30.03 -25.36 50.23
CA LEU E 92 29.04 -25.95 51.12
C LEU E 92 29.44 -27.37 51.51
N PRO E 93 29.01 -27.86 52.68
CA PRO E 93 29.28 -29.26 53.02
C PRO E 93 28.34 -30.20 52.28
N ASP E 94 28.85 -31.40 52.02
CA ASP E 94 28.04 -32.42 51.35
C ASP E 94 26.79 -32.75 52.15
N ASP E 95 26.83 -32.54 53.47
CA ASP E 95 25.68 -32.77 54.34
C ASP E 95 24.97 -31.46 54.71
N PHE E 96 24.91 -30.51 53.78
CA PHE E 96 24.32 -29.22 54.08
C PHE E 96 22.84 -29.34 54.40
N THR E 97 22.37 -28.53 55.34
CA THR E 97 20.96 -28.47 55.71
C THR E 97 20.54 -27.00 55.75
N GLY E 98 19.65 -26.61 54.86
CA GLY E 98 19.23 -25.23 54.77
C GLY E 98 18.89 -24.88 53.34
N CYS E 99 18.74 -23.57 53.10
CA CYS E 99 18.19 -23.06 51.85
C CYS E 99 19.14 -22.03 51.24
N VAL E 100 19.34 -22.14 49.92
CA VAL E 100 20.08 -21.17 49.13
C VAL E 100 19.08 -20.26 48.42
N ILE E 101 19.29 -18.95 48.51
CA ILE E 101 18.33 -17.96 48.04
C ILE E 101 19.08 -16.91 47.21
N ALA E 102 18.68 -16.74 45.95
CA ALA E 102 19.34 -15.78 45.07
C ALA E 102 18.31 -15.00 44.24
N TRP E 103 18.68 -13.77 43.88
CA TRP E 103 17.90 -12.96 42.95
C TRP E 103 18.82 -12.05 42.16
N ASN E 104 18.40 -11.74 40.93
CA ASN E 104 19.12 -10.80 40.08
C ASN E 104 19.16 -9.41 40.70
N SER E 105 20.32 -8.77 40.65
CA SER E 105 20.52 -7.48 41.28
C SER E 105 21.27 -6.52 40.34
N ASN E 106 21.15 -6.75 39.04
CA ASN E 106 21.67 -5.89 37.98
C ASN E 106 21.52 -4.39 38.26
N ASN E 107 20.33 -3.95 38.71
CA ASN E 107 20.09 -2.53 38.96
C ASN E 107 20.89 -1.98 40.14
N LEU E 108 21.31 -2.84 41.07
CA LEU E 108 22.12 -2.42 42.23
C LEU E 108 23.62 -2.58 42.02
N ASP E 109 24.07 -3.57 41.26
CA ASP E 109 25.45 -4.02 41.33
C ASP E 109 26.21 -3.94 40.01
N SER E 110 25.62 -3.44 38.93
CA SER E 110 26.36 -3.13 37.71
C SER E 110 26.58 -1.64 37.60
N LYS E 111 27.68 -1.25 36.94
CA LYS E 111 27.94 0.12 36.49
C LYS E 111 28.14 0.17 34.99
N VAL E 112 27.97 1.40 34.48
CA VAL E 112 28.08 1.69 33.06
C VAL E 112 29.44 1.27 32.51
N GLY E 113 30.51 1.63 33.19
CA GLY E 113 31.82 1.27 32.68
C GLY E 113 32.32 -0.09 33.13
N GLY E 114 31.47 -0.88 33.78
CA GLY E 114 31.92 -2.09 34.44
C GLY E 114 32.15 -1.83 35.91
N ASN E 115 31.66 -2.71 36.77
CA ASN E 115 31.82 -2.56 38.21
C ASN E 115 32.91 -3.51 38.69
N TYR E 116 34.05 -2.97 39.07
CA TYR E 116 35.18 -3.79 39.50
C TYR E 116 35.27 -3.90 41.01
N ASN E 117 34.26 -3.42 41.75
CA ASN E 117 34.25 -3.56 43.20
C ASN E 117 34.01 -4.99 43.64
N TYR E 118 33.29 -5.77 42.85
CA TYR E 118 33.03 -7.15 43.21
C TYR E 118 34.19 -8.01 42.75
N LEU E 119 34.68 -8.87 43.65
CA LEU E 119 35.90 -9.60 43.44
C LEU E 119 35.64 -11.08 43.64
N TYR E 120 36.54 -11.91 43.10
CA TYR E 120 36.50 -13.34 43.33
C TYR E 120 37.92 -13.89 43.32
N ARG E 121 38.12 -14.98 44.06
CA ARG E 121 39.41 -15.66 44.09
C ARG E 121 39.48 -16.65 42.94
N LEU E 122 40.55 -16.55 42.14
CA LEU E 122 40.65 -17.41 40.97
C LEU E 122 41.30 -18.76 41.26
N PHE E 123 42.25 -18.84 42.19
CA PHE E 123 43.09 -20.04 42.28
C PHE E 123 44.01 -20.06 43.52
N ARG E 124 43.79 -21.11 44.33
CA ARG E 124 44.49 -21.21 45.64
C ARG E 124 45.06 -22.62 45.84
N LYS E 125 46.12 -22.75 46.65
CA LYS E 125 46.82 -24.04 46.86
C LYS E 125 45.82 -25.19 46.99
N SER E 126 44.73 -24.99 47.72
CA SER E 126 43.84 -26.14 47.84
C SER E 126 42.40 -25.64 47.82
N ASN E 127 41.49 -26.59 47.64
CA ASN E 127 40.07 -26.27 47.74
C ASN E 127 39.70 -25.96 49.18
N LEU E 128 38.72 -25.07 49.35
CA LEU E 128 38.30 -24.64 50.68
C LEU E 128 37.46 -25.72 51.35
N LYS E 129 37.54 -25.77 52.68
CA LYS E 129 36.66 -26.62 53.46
C LYS E 129 35.25 -25.99 53.50
N PRO E 130 34.24 -26.79 53.83
CA PRO E 130 32.92 -26.20 54.05
C PRO E 130 32.98 -25.02 55.02
N PHE E 131 32.26 -23.95 54.66
CA PHE E 131 32.21 -22.69 55.39
C PHE E 131 33.58 -22.07 55.62
N GLU E 132 34.62 -22.53 54.93
CA GLU E 132 35.90 -21.85 55.04
C GLU E 132 35.84 -20.49 54.36
N ARG E 133 36.63 -19.55 54.87
CA ARG E 133 36.67 -18.19 54.34
C ARG E 133 38.11 -17.76 54.17
N ASP E 134 38.43 -17.27 52.97
CA ASP E 134 39.81 -16.95 52.60
C ASP E 134 39.86 -15.51 52.11
N ILE E 135 40.47 -14.63 52.90
CA ILE E 135 40.68 -13.25 52.47
C ILE E 135 42.17 -12.99 52.29
N SER E 136 42.93 -14.05 51.99
CA SER E 136 44.35 -13.91 51.74
C SER E 136 44.60 -13.15 50.44
N THR E 137 45.68 -12.37 50.43
CA THR E 137 46.10 -11.59 49.27
C THR E 137 47.48 -12.01 48.78
N GLU E 138 47.74 -13.32 48.95
CA GLU E 138 49.04 -13.90 48.55
C GLU E 138 49.02 -14.25 47.06
N ILE E 139 50.05 -13.82 46.33
CA ILE E 139 50.14 -14.13 44.86
C ILE E 139 50.25 -15.65 44.69
N TYR E 140 49.38 -16.24 43.87
CA TYR E 140 49.40 -17.70 43.64
C TYR E 140 50.60 -18.10 42.78
N GLN E 141 51.10 -19.32 42.98
CA GLN E 141 52.23 -19.82 42.16
C GLN E 141 51.78 -20.97 41.25
N ALA E 142 51.93 -20.83 39.93
CA ALA E 142 51.65 -21.93 39.00
C ALA E 142 52.83 -22.90 39.05
N PHE E 157 48.11 -11.74 41.41
CA PHE E 157 47.22 -11.46 42.54
C PHE E 157 45.87 -12.16 42.39
N PRO E 158 45.48 -12.99 43.37
CA PRO E 158 44.50 -14.06 43.16
C PRO E 158 43.06 -13.61 43.09
N LEU E 159 42.80 -12.31 43.21
CA LEU E 159 41.46 -11.78 43.08
C LEU E 159 41.35 -11.00 41.78
N GLN E 160 40.31 -11.27 41.02
CA GLN E 160 39.98 -10.52 39.81
C GLN E 160 38.55 -10.00 39.90
N SER E 161 38.23 -9.05 39.03
CA SER E 161 36.98 -8.32 39.11
C SER E 161 35.95 -8.85 38.12
N TYR E 162 34.73 -9.00 38.62
CA TYR E 162 33.63 -9.44 37.78
C TYR E 162 33.34 -8.44 36.67
N GLY E 163 33.46 -7.16 36.95
CA GLY E 163 33.18 -6.12 35.97
C GLY E 163 31.75 -6.13 35.46
N PHE E 164 30.78 -6.24 36.38
CA PHE E 164 29.37 -6.29 35.98
C PHE E 164 28.98 -5.03 35.21
N GLN E 165 28.45 -5.23 34.01
CA GLN E 165 27.91 -4.14 33.19
C GLN E 165 26.40 -4.34 32.99
N PRO E 166 25.65 -3.26 32.76
CA PRO E 166 24.19 -3.42 32.66
C PRO E 166 23.76 -4.13 31.39
N THR E 167 24.60 -4.09 30.37
CA THR E 167 24.35 -4.71 29.07
C THR E 167 24.72 -6.17 29.04
N ASN E 168 25.22 -6.72 30.14
CA ASN E 168 25.66 -8.11 30.15
C ASN E 168 24.50 -9.06 29.95
N GLY E 169 24.77 -10.19 29.31
CA GLY E 169 23.80 -11.25 29.12
C GLY E 169 23.37 -11.91 30.42
N VAL E 170 22.41 -12.84 30.35
CA VAL E 170 21.73 -13.31 31.56
C VAL E 170 22.73 -13.86 32.58
N GLY E 171 23.55 -14.83 32.16
CA GLY E 171 24.42 -15.51 33.11
C GLY E 171 25.59 -14.67 33.57
N TYR E 172 25.89 -13.59 32.87
CA TYR E 172 26.95 -12.67 33.29
C TYR E 172 26.48 -11.68 34.35
N GLN E 173 25.20 -11.58 34.64
CA GLN E 173 24.76 -10.46 35.46
C GLN E 173 24.88 -10.79 36.96
N PRO E 174 25.03 -9.78 37.81
CA PRO E 174 25.24 -10.05 39.23
C PRO E 174 23.97 -10.55 39.89
N TYR E 175 24.14 -11.51 40.79
CA TYR E 175 23.07 -12.05 41.60
C TYR E 175 23.49 -11.97 43.06
N ARG E 176 22.56 -11.56 43.91
CA ARG E 176 22.76 -11.57 45.35
C ARG E 176 22.25 -12.89 45.92
N VAL E 177 23.05 -13.50 46.80
CA VAL E 177 22.79 -14.81 47.36
C VAL E 177 22.79 -14.70 48.87
N VAL E 178 21.80 -15.32 49.51
CA VAL E 178 21.77 -15.46 50.95
C VAL E 178 21.60 -16.94 51.24
N VAL E 179 22.51 -17.50 52.06
CA VAL E 179 22.53 -18.91 52.41
C VAL E 179 22.11 -19.05 53.86
N LEU E 180 21.09 -19.86 54.11
CA LEU E 180 20.60 -20.11 55.47
C LEU E 180 21.06 -21.50 55.89
N SER E 181 22.08 -21.55 56.74
CA SER E 181 22.52 -22.81 57.33
C SER E 181 21.80 -23.02 58.65
N PHE E 182 21.06 -24.12 58.74
CA PHE E 182 20.25 -24.44 59.91
C PHE E 182 20.99 -25.43 60.80
N GLU E 183 21.04 -25.12 62.10
CA GLU E 183 21.86 -25.88 63.05
C GLU E 183 20.99 -26.60 64.10
N ALA E 189 17.96 -25.01 72.29
CA ALA E 189 17.59 -24.21 71.12
C ALA E 189 17.58 -22.73 71.45
N THR E 190 17.77 -21.87 70.44
CA THR E 190 17.76 -20.42 70.64
C THR E 190 16.91 -19.64 69.64
N VAL E 191 16.64 -20.18 68.45
CA VAL E 191 15.88 -19.49 67.41
C VAL E 191 14.65 -20.31 67.06
N CYS E 192 13.49 -19.66 67.00
CA CYS E 192 12.23 -20.33 66.71
C CYS E 192 11.38 -19.48 65.77
N GLY E 193 10.33 -20.12 65.24
CA GLY E 193 9.37 -19.45 64.38
C GLY E 193 8.27 -18.78 65.18
N PRO E 194 7.04 -18.81 64.67
CA PRO E 194 5.95 -18.02 65.26
C PRO E 194 5.70 -18.37 66.72
N LYS E 195 5.72 -17.36 67.57
CA LYS E 195 5.49 -17.54 69.00
C LYS E 195 4.55 -16.48 69.56
N CYS F 3 -24.44 -0.74 -61.99
CA CYS F 3 -24.44 0.63 -61.48
C CYS F 3 -23.16 0.92 -60.73
N PRO F 4 -22.60 2.11 -60.96
CA PRO F 4 -21.27 2.45 -60.42
C PRO F 4 -21.35 3.11 -59.03
N PHE F 5 -21.98 2.42 -58.09
CA PHE F 5 -22.14 2.98 -56.75
C PHE F 5 -20.80 3.10 -56.03
N GLY F 6 -19.83 2.25 -56.39
CA GLY F 6 -18.51 2.32 -55.77
C GLY F 6 -17.85 3.67 -55.94
N GLU F 7 -18.05 4.33 -57.09
CA GLU F 7 -17.46 5.65 -57.33
C GLU F 7 -17.96 6.67 -56.34
N VAL F 8 -19.23 6.58 -55.94
CA VAL F 8 -19.81 7.61 -55.09
C VAL F 8 -19.43 7.37 -53.63
N PHE F 9 -19.64 6.14 -53.14
CA PHE F 9 -19.40 5.86 -51.70
C PHE F 9 -17.92 5.78 -51.35
N ASN F 10 -17.07 5.23 -52.22
CA ASN F 10 -15.64 5.02 -51.87
C ASN F 10 -14.76 6.14 -52.44
N ALA F 11 -15.35 7.20 -52.99
CA ALA F 11 -14.57 8.30 -53.62
C ALA F 11 -13.48 8.84 -52.68
N THR F 12 -12.26 8.99 -53.17
CA THR F 12 -11.19 9.58 -52.38
C THR F 12 -11.55 11.01 -51.97
N ARG F 13 -12.09 11.81 -52.88
CA ARG F 13 -12.44 13.18 -52.52
C ARG F 13 -13.96 13.33 -52.56
N PHE F 14 -14.49 14.20 -51.69
CA PHE F 14 -15.85 14.72 -51.80
C PHE F 14 -15.84 16.22 -52.03
N ALA F 15 -16.98 16.72 -52.52
CA ALA F 15 -17.15 18.14 -52.75
C ALA F 15 -17.67 18.82 -51.49
N SER F 16 -17.31 20.10 -51.34
CA SER F 16 -17.90 20.95 -50.30
C SER F 16 -19.40 20.88 -50.38
N VAL F 17 -20.08 21.20 -49.27
CA VAL F 17 -21.53 21.06 -49.24
C VAL F 17 -22.19 22.00 -50.25
N TYR F 18 -21.69 23.23 -50.36
CA TYR F 18 -22.30 24.18 -51.29
C TYR F 18 -22.16 23.71 -52.73
N ALA F 19 -20.99 23.18 -53.09
CA ALA F 19 -20.74 22.64 -54.43
C ALA F 19 -21.07 21.17 -54.51
N TRP F 20 -22.16 20.76 -53.85
CA TRP F 20 -22.39 19.35 -53.62
C TRP F 20 -22.49 18.59 -54.94
N ASN F 21 -21.91 17.40 -54.95
CA ASN F 21 -21.77 16.60 -56.16
C ASN F 21 -23.04 15.82 -56.43
N ARG F 22 -23.27 15.75 -57.74
CA ARG F 22 -24.43 15.07 -58.29
C ARG F 22 -23.95 14.08 -59.32
N LYS F 23 -24.51 12.88 -59.31
CA LYS F 23 -24.23 11.98 -60.42
C LYS F 23 -25.44 11.08 -60.61
N ARG F 24 -26.01 11.10 -61.81
CA ARG F 24 -27.17 10.26 -62.12
C ARG F 24 -26.76 8.81 -62.33
N ILE F 25 -27.47 7.91 -61.68
CA ILE F 25 -27.33 6.49 -61.89
C ILE F 25 -28.47 6.05 -62.80
N SER F 26 -28.17 5.74 -64.06
CA SER F 26 -29.21 5.39 -65.02
C SER F 26 -28.76 4.21 -65.89
N ASN F 27 -29.75 3.52 -66.45
CA ASN F 27 -29.58 2.35 -67.31
C ASN F 27 -28.53 1.39 -66.75
N CYS F 28 -28.80 0.87 -65.56
CA CYS F 28 -27.91 -0.14 -65.01
C CYS F 28 -28.64 -0.95 -63.94
N VAL F 29 -27.97 -2.00 -63.48
CA VAL F 29 -28.48 -2.91 -62.46
C VAL F 29 -27.69 -2.67 -61.18
N ALA F 30 -28.39 -2.44 -60.08
CA ALA F 30 -27.79 -2.07 -58.81
C ALA F 30 -28.15 -3.09 -57.72
N ASP F 31 -27.13 -3.48 -56.96
CA ASP F 31 -27.30 -4.30 -55.76
C ASP F 31 -27.24 -3.34 -54.57
N TYR F 32 -28.30 -3.35 -53.76
CA TYR F 32 -28.39 -2.33 -52.68
C TYR F 32 -28.06 -2.96 -51.33
N SER F 33 -28.18 -4.29 -51.27
CA SER F 33 -27.95 -5.04 -50.01
C SER F 33 -26.54 -4.78 -49.49
N VAL F 34 -25.62 -4.48 -50.40
CA VAL F 34 -24.20 -4.27 -49.99
C VAL F 34 -24.18 -3.09 -49.01
N LEU F 35 -25.04 -2.09 -49.24
CA LEU F 35 -25.10 -0.89 -48.37
C LEU F 35 -25.57 -1.28 -46.96
N TYR F 36 -26.81 -1.78 -46.83
CA TYR F 36 -27.32 -2.04 -45.45
C TYR F 36 -26.46 -3.07 -44.73
N ASN F 37 -25.87 -4.05 -45.44
CA ASN F 37 -24.92 -4.99 -44.79
C ASN F 37 -23.96 -4.18 -43.92
N SER F 38 -23.37 -3.10 -44.46
CA SER F 38 -22.51 -2.24 -43.68
C SER F 38 -23.26 -1.65 -42.50
N ALA F 39 -22.64 -1.74 -41.32
CA ALA F 39 -23.20 -1.21 -40.09
C ALA F 39 -22.42 -0.04 -39.53
N SER F 40 -21.47 0.49 -40.31
CA SER F 40 -20.61 1.60 -39.89
C SER F 40 -21.24 2.96 -40.18
N PHE F 41 -22.40 3.00 -40.83
CA PHE F 41 -23.09 4.27 -41.05
C PHE F 41 -23.49 4.87 -39.71
N SER F 42 -23.25 6.17 -39.56
CA SER F 42 -23.82 6.87 -38.41
C SER F 42 -25.29 7.21 -38.64
N THR F 43 -25.69 7.43 -39.90
CA THR F 43 -27.06 7.77 -40.22
C THR F 43 -27.49 6.97 -41.44
N PHE F 44 -28.66 6.38 -41.35
CA PHE F 44 -29.22 5.67 -42.47
C PHE F 44 -30.74 5.71 -42.36
N LYS F 45 -31.35 6.71 -43.01
CA LYS F 45 -32.75 7.06 -42.78
C LYS F 45 -33.44 7.21 -44.13
N CYS F 46 -34.36 6.28 -44.42
CA CYS F 46 -35.10 6.26 -45.67
C CYS F 46 -36.48 6.89 -45.48
N TYR F 47 -36.91 7.67 -46.46
CA TYR F 47 -38.17 8.39 -46.37
C TYR F 47 -39.10 7.91 -47.49
N GLY F 48 -40.18 7.24 -47.10
CA GLY F 48 -41.14 6.72 -48.04
C GLY F 48 -40.75 5.43 -48.71
N VAL F 49 -39.56 4.90 -48.44
CA VAL F 49 -39.12 3.69 -49.11
C VAL F 49 -38.57 2.77 -48.03
N SER F 50 -38.71 1.47 -48.25
CA SER F 50 -37.98 0.62 -47.34
C SER F 50 -36.79 -0.06 -48.00
N PRO F 51 -35.59 0.20 -47.46
CA PRO F 51 -34.39 -0.66 -47.66
C PRO F 51 -34.52 -2.07 -48.22
N THR F 52 -34.86 -3.02 -47.36
CA THR F 52 -35.05 -4.42 -47.75
C THR F 52 -35.91 -4.58 -49.01
N LYS F 53 -36.84 -3.66 -49.21
CA LYS F 53 -37.69 -3.63 -50.39
C LYS F 53 -37.00 -2.96 -51.58
N LEU F 54 -35.92 -2.21 -51.36
CA LEU F 54 -35.31 -1.42 -52.42
C LEU F 54 -34.76 -2.30 -53.54
N ASN F 55 -34.34 -3.51 -53.17
CA ASN F 55 -33.76 -4.45 -54.15
C ASN F 55 -34.80 -4.77 -55.23
N ASP F 56 -35.95 -5.32 -54.82
CA ASP F 56 -36.96 -5.76 -55.82
C ASP F 56 -37.62 -4.54 -56.49
N LEU F 57 -37.92 -3.51 -55.71
CA LEU F 57 -38.52 -2.27 -56.28
C LEU F 57 -37.52 -1.65 -57.26
N CYS F 58 -38.00 -1.37 -58.48
CA CYS F 58 -37.16 -0.70 -59.50
C CYS F 58 -37.47 0.78 -59.42
N PHE F 59 -36.69 1.61 -60.14
CA PHE F 59 -36.93 3.07 -60.17
C PHE F 59 -36.56 3.60 -61.56
N THR F 60 -37.09 4.77 -61.96
CA THR F 60 -36.67 5.37 -63.24
C THR F 60 -35.21 5.76 -63.11
N ASN F 61 -34.92 6.74 -62.26
CA ASN F 61 -33.57 7.27 -62.18
C ASN F 61 -33.20 7.42 -60.71
N VAL F 62 -31.91 7.24 -60.41
CA VAL F 62 -31.34 7.46 -59.08
C VAL F 62 -30.30 8.57 -59.17
N TYR F 63 -30.46 9.57 -58.30
CA TYR F 63 -29.54 10.74 -58.26
C TYR F 63 -28.78 10.73 -56.93
N ALA F 64 -27.53 10.28 -56.92
CA ALA F 64 -26.72 10.12 -55.71
C ALA F 64 -25.94 11.40 -55.47
N ASP F 65 -26.29 12.12 -54.43
CA ASP F 65 -25.59 13.34 -54.04
C ASP F 65 -24.59 13.07 -52.93
N SER F 66 -23.46 13.79 -52.96
CA SER F 66 -22.45 13.55 -51.95
C SER F 66 -21.66 14.81 -51.67
N PHE F 67 -21.54 15.11 -50.39
CA PHE F 67 -20.80 16.24 -49.84
C PHE F 67 -20.26 15.85 -48.47
N VAL F 68 -19.48 16.76 -47.89
CA VAL F 68 -19.04 16.67 -46.51
C VAL F 68 -19.71 17.79 -45.74
N ILE F 69 -20.24 17.44 -44.57
CA ILE F 69 -20.67 18.40 -43.54
C ILE F 69 -20.14 17.96 -42.17
N ARG F 70 -20.40 18.85 -41.19
CA ARG F 70 -19.99 18.60 -39.78
C ARG F 70 -21.05 17.70 -39.13
N GLY F 71 -20.72 17.01 -38.04
CA GLY F 71 -21.61 15.98 -37.49
C GLY F 71 -22.97 16.47 -37.03
N ASP F 72 -23.01 17.62 -36.40
CA ASP F 72 -24.29 18.12 -35.85
C ASP F 72 -25.24 18.47 -37.00
N GLU F 73 -24.72 18.79 -38.19
CA GLU F 73 -25.55 19.21 -39.35
C GLU F 73 -26.20 18.01 -40.05
N VAL F 74 -25.72 16.80 -39.80
CA VAL F 74 -26.34 15.69 -40.50
C VAL F 74 -27.84 15.66 -40.30
N ARG F 75 -28.32 16.23 -39.19
CA ARG F 75 -29.75 16.22 -38.89
C ARG F 75 -30.56 17.13 -39.80
N GLN F 76 -29.92 18.08 -40.50
CA GLN F 76 -30.61 18.94 -41.46
C GLN F 76 -30.81 18.29 -42.83
N ILE F 77 -30.18 17.14 -43.09
CA ILE F 77 -30.39 16.43 -44.36
C ILE F 77 -31.59 15.52 -44.13
N ALA F 78 -32.78 16.12 -44.17
CA ALA F 78 -34.05 15.43 -44.00
C ALA F 78 -35.15 16.29 -44.62
N PRO F 79 -36.28 15.68 -45.01
CA PRO F 79 -37.40 16.46 -45.54
C PRO F 79 -37.83 17.60 -44.62
N GLY F 80 -38.21 18.71 -45.24
CA GLY F 80 -38.77 19.85 -44.56
C GLY F 80 -37.90 20.51 -43.52
N GLN F 81 -36.70 19.98 -43.26
CA GLN F 81 -35.88 20.55 -42.23
C GLN F 81 -35.31 21.90 -42.65
N THR F 82 -34.89 22.69 -41.66
CA THR F 82 -34.27 23.97 -41.92
C THR F 82 -33.08 24.14 -40.99
N GLY F 83 -32.31 25.19 -41.23
CA GLY F 83 -31.07 25.45 -40.54
C GLY F 83 -30.04 25.93 -41.53
N LYS F 84 -28.82 26.10 -41.01
CA LYS F 84 -27.74 26.75 -41.75
C LYS F 84 -27.47 26.07 -43.10
N ILE F 85 -27.39 24.74 -43.11
CA ILE F 85 -27.14 24.01 -44.36
C ILE F 85 -28.42 23.87 -45.19
N ALA F 86 -29.51 23.43 -44.56
CA ALA F 86 -30.75 23.16 -45.28
C ALA F 86 -31.37 24.41 -45.90
N ASP F 87 -31.02 25.60 -45.41
CA ASP F 87 -31.50 26.83 -46.05
C ASP F 87 -30.59 27.28 -47.18
N TYR F 88 -29.27 27.18 -46.99
CA TYR F 88 -28.30 27.90 -47.80
C TYR F 88 -27.34 27.02 -48.59
N ASN F 89 -27.31 25.70 -48.37
CA ASN F 89 -26.34 24.85 -49.05
C ASN F 89 -26.99 23.64 -49.71
N TYR F 90 -27.87 22.94 -49.01
CA TYR F 90 -28.51 21.75 -49.59
C TYR F 90 -29.83 21.52 -48.91
N LYS F 91 -30.92 21.59 -49.67
CA LYS F 91 -32.28 21.45 -49.16
C LYS F 91 -32.98 20.32 -49.88
N LEU F 92 -33.62 19.44 -49.11
CA LEU F 92 -34.45 18.38 -49.65
C LEU F 92 -35.89 18.88 -49.79
N PRO F 93 -36.69 18.24 -50.64
CA PRO F 93 -38.10 18.60 -50.75
C PRO F 93 -38.92 18.00 -49.61
N ASP F 94 -40.07 18.65 -49.35
CA ASP F 94 -40.96 18.15 -48.31
C ASP F 94 -41.50 16.77 -48.64
N ASP F 95 -41.60 16.44 -49.93
CA ASP F 95 -42.07 15.14 -50.38
C ASP F 95 -40.93 14.23 -50.80
N PHE F 96 -39.74 14.46 -50.27
CA PHE F 96 -38.56 13.66 -50.61
C PHE F 96 -38.84 12.17 -50.41
N THR F 97 -38.43 11.38 -51.39
CA THR F 97 -38.44 9.93 -51.26
C THR F 97 -37.05 9.43 -51.61
N GLY F 98 -36.41 8.75 -50.65
CA GLY F 98 -35.04 8.33 -50.80
C GLY F 98 -34.42 8.10 -49.44
N CYS F 99 -33.13 7.83 -49.45
CA CYS F 99 -32.40 7.55 -48.22
C CYS F 99 -31.22 8.48 -48.06
N VAL F 100 -31.02 8.98 -46.85
CA VAL F 100 -29.85 9.78 -46.50
C VAL F 100 -28.90 8.88 -45.72
N ILE F 101 -27.63 8.86 -46.14
CA ILE F 101 -26.60 7.99 -45.58
C ILE F 101 -25.40 8.85 -45.20
N ALA F 102 -24.83 8.60 -44.03
CA ALA F 102 -23.72 9.39 -43.55
C ALA F 102 -22.78 8.52 -42.70
N TRP F 103 -21.56 9.03 -42.52
CA TRP F 103 -20.56 8.37 -41.67
C TRP F 103 -19.45 9.37 -41.36
N ASN F 104 -18.90 9.24 -40.17
CA ASN F 104 -17.76 10.07 -39.77
C ASN F 104 -16.56 9.73 -40.64
N SER F 105 -15.81 10.75 -41.03
CA SER F 105 -14.65 10.59 -41.90
C SER F 105 -13.50 11.45 -41.40
N ASN F 106 -13.40 11.58 -40.08
CA ASN F 106 -12.28 12.28 -39.45
C ASN F 106 -10.93 11.80 -39.98
N ASN F 107 -10.82 10.51 -40.35
CA ASN F 107 -9.54 9.95 -40.78
C ASN F 107 -9.15 10.36 -42.19
N LEU F 108 -10.10 10.78 -43.02
CA LEU F 108 -9.84 11.28 -44.37
C LEU F 108 -9.77 12.79 -44.44
N ASP F 109 -10.78 13.47 -43.87
CA ASP F 109 -10.93 14.94 -44.10
C ASP F 109 -10.40 15.85 -43.01
N SER F 110 -9.78 15.33 -41.95
CA SER F 110 -9.31 16.28 -40.94
C SER F 110 -7.79 16.46 -41.06
N LYS F 111 -7.33 17.70 -40.97
CA LYS F 111 -5.87 17.98 -41.08
C LYS F 111 -5.35 18.52 -39.76
N VAL F 112 -4.05 18.42 -39.51
CA VAL F 112 -3.47 18.75 -38.22
C VAL F 112 -3.55 20.25 -37.95
N GLY F 113 -3.40 21.06 -39.00
CA GLY F 113 -3.52 22.48 -38.84
C GLY F 113 -4.91 23.01 -39.12
N GLY F 114 -5.90 22.14 -39.26
CA GLY F 114 -7.19 22.52 -39.78
C GLY F 114 -7.24 22.29 -41.28
N ASN F 115 -8.39 21.87 -41.80
CA ASN F 115 -8.57 21.64 -43.22
C ASN F 115 -9.60 22.62 -43.78
N TYR F 116 -9.14 23.52 -44.66
CA TYR F 116 -9.98 24.63 -45.10
C TYR F 116 -10.42 24.49 -46.56
N ASN F 117 -10.09 23.36 -47.18
CA ASN F 117 -10.74 22.76 -48.36
C ASN F 117 -12.19 22.38 -48.23
N TYR F 118 -12.82 22.47 -47.07
CA TYR F 118 -14.26 22.23 -47.02
C TYR F 118 -14.99 23.48 -46.57
N LEU F 119 -15.84 24.01 -47.44
CA LEU F 119 -16.48 25.30 -47.13
C LEU F 119 -18.00 25.15 -47.16
N TYR F 120 -18.70 26.02 -46.44
CA TYR F 120 -20.18 25.99 -46.49
C TYR F 120 -20.67 27.40 -46.83
N ARG F 121 -21.87 27.52 -47.37
CA ARG F 121 -22.44 28.87 -47.56
C ARG F 121 -23.05 29.29 -46.23
N LEU F 122 -22.70 30.47 -45.76
CA LEU F 122 -23.23 30.86 -44.44
C LEU F 122 -24.49 31.72 -44.60
N PHE F 123 -24.60 32.51 -45.67
CA PHE F 123 -25.74 33.45 -45.79
C PHE F 123 -26.29 33.47 -47.22
N ARG F 124 -27.54 33.90 -47.42
CA ARG F 124 -28.05 34.04 -48.82
C ARG F 124 -29.18 35.08 -48.97
N LYS F 125 -29.47 35.54 -50.20
CA LYS F 125 -30.62 36.42 -50.42
C LYS F 125 -31.94 35.72 -50.13
N SER F 126 -31.98 34.39 -50.23
CA SER F 126 -33.15 33.61 -49.89
C SER F 126 -32.70 32.21 -49.55
N ASN F 127 -33.66 31.41 -49.09
CA ASN F 127 -33.40 29.98 -48.93
C ASN F 127 -33.44 29.30 -50.29
N LEU F 128 -32.74 28.17 -50.38
CA LEU F 128 -32.67 27.42 -51.62
C LEU F 128 -33.92 26.59 -51.84
N LYS F 129 -34.24 26.36 -53.10
CA LYS F 129 -35.29 25.42 -53.47
C LYS F 129 -34.78 23.99 -53.28
N PRO F 130 -35.67 23.01 -53.20
CA PRO F 130 -35.24 21.61 -53.21
C PRO F 130 -34.35 21.31 -54.40
N PHE F 131 -33.19 20.70 -54.11
CA PHE F 131 -32.19 20.28 -55.08
C PHE F 131 -31.52 21.47 -55.77
N GLU F 132 -31.67 22.68 -55.24
CA GLU F 132 -31.02 23.84 -55.82
C GLU F 132 -29.55 23.88 -55.42
N ARG F 133 -28.71 24.29 -56.35
CA ARG F 133 -27.26 24.34 -56.16
C ARG F 133 -26.78 25.77 -56.36
N ASP F 134 -25.99 26.28 -55.43
CA ASP F 134 -25.55 27.66 -55.44
C ASP F 134 -24.03 27.70 -55.30
N ILE F 135 -23.33 27.90 -56.41
CA ILE F 135 -21.88 28.05 -56.40
C ILE F 135 -21.48 29.52 -56.53
N SER F 136 -22.41 30.43 -56.28
CA SER F 136 -22.14 31.86 -56.45
C SER F 136 -21.13 32.36 -55.43
N THR F 137 -20.31 33.33 -55.85
CA THR F 137 -19.24 33.87 -55.03
C THR F 137 -19.43 35.37 -54.76
N GLU F 138 -20.69 35.81 -54.68
CA GLU F 138 -21.00 37.22 -54.46
C GLU F 138 -20.87 37.60 -52.99
N ILE F 139 -20.35 38.79 -52.73
CA ILE F 139 -20.27 39.30 -51.36
C ILE F 139 -21.68 39.53 -50.82
N TYR F 140 -21.83 39.44 -49.50
CA TYR F 140 -23.12 39.58 -48.84
C TYR F 140 -23.01 40.65 -47.77
N GLN F 141 -24.12 41.35 -47.54
CA GLN F 141 -24.19 42.49 -46.63
C GLN F 141 -25.24 42.27 -45.55
N ALA F 142 -24.94 42.79 -44.35
CA ALA F 142 -25.95 42.84 -43.30
C ALA F 142 -26.92 44.01 -43.53
N GLY F 143 -26.40 45.18 -43.87
CA GLY F 143 -27.22 46.37 -44.06
C GLY F 143 -27.06 46.94 -45.46
N SER F 144 -28.14 47.60 -45.92
CA SER F 144 -28.15 48.19 -47.27
C SER F 144 -27.06 49.25 -47.45
N THR F 145 -26.34 49.61 -46.40
CA THR F 145 -25.21 50.51 -46.53
C THR F 145 -24.16 49.87 -47.46
N PRO F 146 -23.53 50.65 -48.34
CA PRO F 146 -22.75 50.06 -49.44
C PRO F 146 -21.68 49.07 -49.01
N CYS F 147 -21.80 47.84 -49.49
CA CYS F 147 -20.66 46.92 -49.52
C CYS F 147 -19.84 47.13 -50.78
N ASN F 148 -20.48 47.56 -51.87
CA ASN F 148 -19.83 47.84 -53.14
C ASN F 148 -19.11 46.62 -53.69
N GLY F 149 -19.60 45.43 -53.34
CA GLY F 149 -19.00 44.20 -53.81
C GLY F 149 -17.59 43.96 -53.32
N VAL F 150 -17.24 44.46 -52.14
CA VAL F 150 -15.91 44.27 -51.56
C VAL F 150 -16.08 43.86 -50.10
N GLU F 151 -15.41 42.77 -49.73
CA GLU F 151 -15.48 42.26 -48.36
C GLU F 151 -14.92 43.27 -47.37
N GLY F 152 -15.60 43.39 -46.23
CA GLY F 152 -15.19 44.33 -45.19
C GLY F 152 -16.08 44.26 -43.97
N PHE F 153 -16.46 45.42 -43.44
CA PHE F 153 -17.26 45.51 -42.24
C PHE F 153 -18.73 45.30 -42.58
N ASN F 154 -19.37 44.29 -41.96
CA ASN F 154 -20.73 43.87 -42.29
C ASN F 154 -20.84 43.54 -43.78
N CYS F 155 -19.75 43.03 -44.35
CA CYS F 155 -19.65 42.54 -45.71
C CYS F 155 -18.82 41.26 -45.66
N TYR F 156 -19.33 40.16 -46.23
CA TYR F 156 -18.66 38.89 -46.07
C TYR F 156 -18.58 38.15 -47.38
N PHE F 157 -17.48 37.43 -47.55
CA PHE F 157 -17.45 36.34 -48.49
C PHE F 157 -18.46 35.29 -48.03
N PRO F 158 -19.41 34.87 -48.88
CA PRO F 158 -20.52 34.03 -48.39
C PRO F 158 -20.08 32.65 -47.96
N LEU F 159 -18.85 32.24 -48.24
CA LEU F 159 -18.35 30.91 -47.92
C LEU F 159 -17.24 31.01 -46.88
N GLN F 160 -17.37 30.23 -45.81
CA GLN F 160 -16.34 30.11 -44.79
C GLN F 160 -15.91 28.66 -44.69
N SER F 161 -14.74 28.46 -44.08
CA SER F 161 -14.14 27.14 -43.99
C SER F 161 -14.65 26.40 -42.77
N TYR F 162 -14.72 25.07 -42.89
CA TYR F 162 -15.07 24.25 -41.74
C TYR F 162 -13.90 24.13 -40.78
N GLY F 163 -12.68 24.00 -41.30
CA GLY F 163 -11.50 23.92 -40.47
C GLY F 163 -11.40 22.62 -39.70
N PHE F 164 -11.64 21.50 -40.39
CA PHE F 164 -11.67 20.19 -39.76
C PHE F 164 -10.31 19.82 -39.20
N GLN F 165 -10.25 19.61 -37.86
CA GLN F 165 -9.11 19.09 -37.13
C GLN F 165 -9.42 17.72 -36.52
N PRO F 166 -8.43 16.83 -36.41
CA PRO F 166 -8.72 15.50 -35.86
C PRO F 166 -9.03 15.54 -34.38
N THR F 167 -8.74 16.67 -33.73
CA THR F 167 -8.91 16.83 -32.29
C THR F 167 -10.25 17.42 -31.92
N ASN F 168 -11.08 17.74 -32.91
CA ASN F 168 -12.34 18.39 -32.62
C ASN F 168 -13.32 17.42 -31.97
N GLY F 169 -14.24 18.01 -31.22
CA GLY F 169 -15.36 17.27 -30.68
C GLY F 169 -16.19 16.61 -31.76
N VAL F 170 -17.12 15.77 -31.29
CA VAL F 170 -17.73 14.77 -32.14
C VAL F 170 -18.49 15.45 -33.27
N GLY F 171 -19.35 16.42 -32.92
CA GLY F 171 -20.23 17.13 -33.82
C GLY F 171 -19.54 18.19 -34.65
N TYR F 172 -18.30 18.51 -34.29
CA TYR F 172 -17.43 19.33 -35.13
C TYR F 172 -16.64 18.51 -36.15
N GLN F 173 -16.74 17.22 -36.14
CA GLN F 173 -15.91 16.45 -37.04
C GLN F 173 -16.61 16.29 -38.40
N PRO F 174 -15.85 16.08 -39.48
CA PRO F 174 -16.47 15.94 -40.81
C PRO F 174 -17.17 14.60 -40.99
N TYR F 175 -18.28 14.65 -41.71
CA TYR F 175 -19.08 13.48 -42.02
C TYR F 175 -19.34 13.47 -43.52
N ARG F 176 -19.17 12.32 -44.15
CA ARG F 176 -19.45 12.18 -45.57
C ARG F 176 -20.86 11.68 -45.74
N VAL F 177 -21.63 12.37 -46.59
CA VAL F 177 -23.06 12.13 -46.73
C VAL F 177 -23.35 11.80 -48.18
N VAL F 178 -24.10 10.73 -48.41
CA VAL F 178 -24.59 10.38 -49.73
C VAL F 178 -26.10 10.34 -49.66
N VAL F 179 -26.76 11.16 -50.49
CA VAL F 179 -28.22 11.24 -50.55
C VAL F 179 -28.67 10.53 -51.82
N LEU F 180 -29.46 9.47 -51.67
CA LEU F 180 -30.05 8.75 -52.80
C LEU F 180 -31.48 9.22 -52.99
N SER F 181 -31.76 9.83 -54.13
CA SER F 181 -33.11 10.28 -54.46
C SER F 181 -33.70 9.32 -55.50
N PHE F 182 -34.86 8.74 -55.18
CA PHE F 182 -35.46 7.68 -55.96
C PHE F 182 -36.62 8.23 -56.78
N GLU F 183 -36.55 8.02 -58.10
CA GLU F 183 -37.47 8.61 -59.04
C GLU F 183 -38.37 7.55 -59.67
N THR F 190 -35.46 2.63 -65.82
CA THR F 190 -34.13 2.43 -66.40
C THR F 190 -33.17 1.76 -65.42
N VAL F 191 -33.49 1.82 -64.12
CA VAL F 191 -32.63 1.29 -63.07
C VAL F 191 -33.43 0.28 -62.26
N CYS F 192 -32.89 -0.93 -62.10
CA CYS F 192 -33.48 -1.95 -61.24
C CYS F 192 -32.44 -2.61 -60.36
N GLY F 193 -32.93 -3.51 -59.51
CA GLY F 193 -32.11 -4.24 -58.56
C GLY F 193 -31.62 -5.56 -59.10
N PRO F 194 -31.63 -6.60 -58.25
CA PRO F 194 -31.07 -7.91 -58.66
C PRO F 194 -31.85 -8.50 -59.83
N LYS F 195 -31.16 -8.72 -60.93
CA LYS F 195 -31.77 -9.23 -62.15
C LYS F 195 -30.89 -10.28 -62.82
C1 NAG G . 12.72 -5.79 52.62
C2 NAG G . 12.11 -6.81 53.58
C3 NAG G . 10.79 -7.30 53.00
C4 NAG G . 9.88 -6.11 52.75
C5 NAG G . 10.57 -5.11 51.83
C6 NAG G . 9.70 -3.89 51.59
C7 NAG G . 13.03 -8.65 54.89
C8 NAG G . 13.58 -10.04 54.73
N2 NAG G . 13.05 -7.89 53.79
O3 NAG G . 10.13 -8.20 53.91
O4 NAG G . 8.66 -6.55 52.15
O5 NAG G . 11.81 -4.70 52.40
O6 NAG G . 9.60 -3.14 52.81
O7 NAG G . 12.60 -8.24 55.95
C1 NAG H . -16.13 0.22 -51.00
C2 NAG H . -17.39 -0.44 -51.53
C3 NAG H . -17.84 -1.54 -50.57
C4 NAG H . -16.69 -2.51 -50.35
C5 NAG H . -15.45 -1.77 -49.86
C6 NAG H . -14.29 -2.73 -49.68
C7 NAG H . -19.44 0.37 -52.59
C8 NAG H . -20.75 0.96 -52.19
N2 NAG H . -18.43 0.55 -51.73
O3 NAG H . -18.95 -2.26 -51.10
O4 NAG H . -17.08 -3.49 -49.38
O5 NAG H . -15.10 -0.75 -50.79
O6 NAG H . -13.89 -3.24 -50.96
O7 NAG H . -19.30 -0.25 -53.63
#